data_9HIX
#
_entry.id   9HIX
#
_cell.length_a   1.00
_cell.length_b   1.00
_cell.length_c   1.00
_cell.angle_alpha   90.00
_cell.angle_beta   90.00
_cell.angle_gamma   90.00
#
_symmetry.space_group_name_H-M   'P 1'
#
loop_
_entity.id
_entity.type
_entity.pdbx_description
1 polymer 'CDK-activating kinase assembly factor MAT1'
2 polymer Cyclin-H
3 polymer 'Cyclin-dependent kinase 7'
4 non-polymer N-(3-{[5-chloro-4-(1H-indol-3-yl)pyrimidin-2-yl]amino}phenyl)-4-{[4-(dimethylamino)butanoyl]amino}benzamide
5 water water
#
loop_
_entity_poly.entity_id
_entity_poly.type
_entity_poly.pdbx_seq_one_letter_code
_entity_poly.pdbx_strand_id
1 'polypeptide(L)'
;SNAPVTFSTGIKMGQHISLAPIHKLEEALYEYQPLQIETYGPHVPELEMLGRLGYLNHVRAASPQDLAGGYTSSLACHRA
LQDAFSGLFWQPS
;
H
2 'polypeptide(L)'
;(ACE)MYHNSSQKRHWTFSSEEQLARLRADANRKFRCKAVANGKVLPNDPVFLEPHEEMTLCKYYEKRLLEFCSVFKPAM
PRSVVGTACMYFKRFYLNNSVMEYHPRIIMLTCAFLACKVDEFNVSSPQFVGNLRESPLGQEKALEQILEYELLLIQQLN
FHLIVHNPYRPFEGFLIDLKTRYPILENPEILRKTADDFLNRIALTDAYLLYTPSQIALTAILSSASRAGITMESYLSES
LMLKENRTCLSQLLDIMKSMRNLVKKYEPPRSEEVAVLKQKLERCHSAELALNVITKKRKGYEDDDYVSKKSKHEEEEWT
DDDLVESL
;
I
3 'polypeptide(L)'
;SNAMALDVKSRAKRYEKLDFLGEGQFATVYKARDKNTNQIVAIKKIKLGHRSEAKDGINRTALREIKLLQELSHPNIIGL
LDAFGHKSNISLVFDFMETNLEVIIKDNSLVLTPSHIKAYMLMTLQGLEYLHQHWILHRDLKPNNLLLDENGVLKLADFG
LAKSFGSPNRAYTHQVVTRWYRAPELLFGARMYGVGVDMWAVGCILAELLLRVPFLPGDSDLDQLTRIFETLGTPTEEQW
PDMCSLPDYVTFKSFPGIPLHHIFSAAGDDLLDLIQGLFLFNPCARITATQALKMKYFSNRPGPTPGCQLPRPNCPVETL
KEQSNPALAIKRKRTEALEQGGLPKKLIF
;
J
#
loop_
_chem_comp.id
_chem_comp.type
_chem_comp.name
_chem_comp.formula
ACE non-polymer 'ACETYL GROUP' 'C2 H4 O'
V0G non-polymer N-(3-{[5-chloro-4-(1H-indol-3-yl)pyrimidin-2-yl]amino}phenyl)-4-{[4-(dimethylamino)butanoyl]amino}benzamide 'C31 H30 Cl N7 O2'
#
# COMPACT_ATOMS: atom_id res chain seq x y z
N ALA A 28 -6.65 -34.35 10.02
CA ALA A 28 -5.81 -33.28 10.54
C ALA A 28 -6.62 -32.00 10.72
N LEU A 29 -7.01 -31.72 11.96
CA LEU A 29 -7.82 -30.55 12.26
C LEU A 29 -6.98 -29.28 12.16
N TYR A 30 -7.68 -28.15 12.05
CA TYR A 30 -7.06 -26.84 11.97
C TYR A 30 -7.18 -26.13 13.30
N GLU A 31 -6.09 -25.46 13.71
CA GLU A 31 -6.09 -24.62 14.90
C GLU A 31 -5.60 -23.24 14.52
N TYR A 32 -6.32 -22.21 14.93
CA TYR A 32 -5.95 -20.85 14.58
C TYR A 32 -4.69 -20.43 15.31
N GLN A 33 -3.77 -19.81 14.58
CA GLN A 33 -2.54 -19.28 15.14
C GLN A 33 -2.36 -17.85 14.63
N PRO A 34 -2.22 -16.86 15.51
CA PRO A 34 -2.08 -15.47 15.05
C PRO A 34 -0.80 -15.26 14.26
N LEU A 35 -0.86 -14.32 13.33
CA LEU A 35 0.31 -13.98 12.53
C LEU A 35 1.39 -13.37 13.39
N GLN A 36 2.63 -13.82 13.16
CA GLN A 36 3.79 -13.39 13.95
C GLN A 36 4.68 -12.53 13.04
N ILE A 37 4.52 -11.21 13.14
CA ILE A 37 5.31 -10.27 12.37
C ILE A 37 5.99 -9.32 13.36
N GLU A 38 7.31 -9.19 13.23
CA GLU A 38 8.09 -8.35 14.11
C GLU A 38 8.04 -6.91 13.62
N THR A 39 7.78 -5.97 14.54
CA THR A 39 7.63 -4.57 14.19
C THR A 39 8.78 -3.68 14.64
N TYR A 40 9.68 -4.19 15.48
CA TYR A 40 10.85 -3.44 15.96
C TYR A 40 10.43 -2.13 16.63
N GLY A 41 9.38 -2.18 17.44
CA GLY A 41 8.89 -1.00 18.10
C GLY A 41 8.05 -1.31 19.32
N PRO A 42 7.52 -0.27 19.97
CA PRO A 42 6.67 -0.48 21.15
C PRO A 42 5.39 -1.22 20.79
N HIS A 43 4.87 -1.95 21.78
CA HIS A 43 3.64 -2.71 21.60
C HIS A 43 2.48 -1.77 21.32
N VAL A 44 1.66 -2.12 20.32
CA VAL A 44 0.51 -1.32 19.92
C VAL A 44 -0.73 -1.85 20.64
N PRO A 45 -1.51 -0.99 21.30
CA PRO A 45 -2.73 -1.47 21.97
C PRO A 45 -3.72 -2.04 20.98
N GLU A 46 -4.51 -3.01 21.45
CA GLU A 46 -5.45 -3.71 20.59
C GLU A 46 -6.52 -2.77 20.08
N LEU A 47 -7.05 -3.08 18.90
CA LEU A 47 -8.01 -2.20 18.24
C LEU A 47 -9.28 -2.04 19.07
N GLU A 48 -9.77 -3.13 19.67
CA GLU A 48 -10.98 -3.05 20.46
C GLU A 48 -10.78 -2.29 21.77
N MET A 49 -9.54 -2.15 22.22
CA MET A 49 -9.24 -1.48 23.48
C MET A 49 -8.93 0.00 23.31
N LEU A 50 -8.89 0.51 22.08
CA LEU A 50 -8.52 1.90 21.86
C LEU A 50 -9.55 2.85 22.47
N GLY A 51 -10.83 2.48 22.39
CA GLY A 51 -11.86 3.33 22.97
C GLY A 51 -11.80 3.41 24.48
N ARG A 52 -11.49 2.28 25.13
CA ARG A 52 -11.44 2.25 26.58
C ARG A 52 -10.20 2.95 27.13
N LEU A 53 -9.14 3.04 26.33
CA LEU A 53 -7.89 3.65 26.77
C LEU A 53 -7.82 5.15 26.47
N GLY A 54 -8.86 5.73 25.87
CA GLY A 54 -8.90 7.15 25.63
C GLY A 54 -8.24 7.61 24.35
N TYR A 55 -7.81 6.69 23.47
CA TYR A 55 -7.17 7.09 22.23
C TYR A 55 -8.15 7.79 21.29
N LEU A 56 -9.40 7.34 21.25
CA LEU A 56 -10.38 7.87 20.31
C LEU A 56 -10.76 9.31 20.59
N ASN A 57 -10.40 9.85 21.75
CA ASN A 57 -10.72 11.25 22.06
C ASN A 57 -9.86 12.23 21.27
N HIS A 58 -8.82 11.77 20.58
CA HIS A 58 -7.90 12.65 19.86
C HIS A 58 -7.90 12.38 18.36
N VAL A 59 -8.95 11.74 17.84
CA VAL A 59 -9.11 11.52 16.41
C VAL A 59 -10.49 12.02 16.01
N ARG A 60 -10.63 12.30 14.72
CA ARG A 60 -11.90 12.80 14.19
C ARG A 60 -12.97 11.71 14.28
N ALA A 61 -14.14 12.07 14.79
CA ALA A 61 -15.24 11.13 14.88
C ALA A 61 -15.77 10.80 13.49
N ALA A 62 -16.05 9.51 13.27
CA ALA A 62 -16.57 9.07 11.98
C ALA A 62 -17.99 9.58 11.78
N SER A 63 -18.28 10.03 10.55
CA SER A 63 -19.61 10.51 10.21
C SER A 63 -20.56 9.32 10.10
N PRO A 64 -21.88 9.57 10.17
CA PRO A 64 -22.84 8.47 10.00
C PRO A 64 -22.69 7.73 8.68
N GLN A 65 -22.34 8.44 7.59
CA GLN A 65 -22.10 7.77 6.32
C GLN A 65 -20.90 6.84 6.41
N ASP A 66 -19.83 7.28 7.07
CA ASP A 66 -18.65 6.43 7.24
C ASP A 66 -18.99 5.18 8.04
N LEU A 67 -19.76 5.33 9.10
CA LEU A 67 -20.20 4.16 9.87
C LEU A 67 -21.10 3.26 9.04
N ALA A 68 -21.92 3.84 8.17
CA ALA A 68 -22.77 3.05 7.29
C ALA A 68 -21.94 2.20 6.34
N GLY A 69 -20.87 2.77 5.80
CA GLY A 69 -20.00 2.01 4.92
C GLY A 69 -19.08 1.02 5.60
N GLY A 70 -19.00 1.06 6.93
CA GLY A 70 -18.10 0.20 7.66
C GLY A 70 -16.78 0.83 8.05
N TYR A 71 -16.67 2.15 8.04
CA TYR A 71 -15.44 2.86 8.38
C TYR A 71 -15.60 3.52 9.74
N THR A 72 -14.63 3.29 10.63
CA THR A 72 -14.65 3.85 11.97
C THR A 72 -13.35 4.59 12.23
N SER A 73 -13.41 5.54 13.17
CA SER A 73 -12.20 6.26 13.57
C SER A 73 -11.18 5.36 14.25
N SER A 74 -11.62 4.22 14.79
CA SER A 74 -10.70 3.28 15.41
C SER A 74 -9.68 2.78 14.40
N LEU A 75 -10.11 2.58 13.15
CA LEU A 75 -9.18 2.12 12.11
C LEU A 75 -8.09 3.15 11.87
N ALA A 76 -8.47 4.42 11.75
CA ALA A 76 -7.48 5.48 11.52
C ALA A 76 -6.54 5.61 12.71
N CYS A 77 -7.08 5.57 13.93
CA CYS A 77 -6.23 5.68 15.11
C CYS A 77 -5.25 4.50 15.20
N HIS A 78 -5.74 3.29 14.92
CA HIS A 78 -4.89 2.11 14.96
C HIS A 78 -3.79 2.20 13.91
N ARG A 79 -4.13 2.65 12.70
CA ARG A 79 -3.10 2.77 11.66
C ARG A 79 -2.06 3.81 12.02
N ALA A 80 -2.50 4.95 12.56
CA ALA A 80 -1.54 5.98 12.97
C ALA A 80 -0.63 5.48 14.08
N LEU A 81 -1.18 4.76 15.06
CA LEU A 81 -0.36 4.23 16.14
C LEU A 81 0.61 3.17 15.63
N GLN A 82 0.17 2.33 14.69
CA GLN A 82 1.06 1.33 14.12
C GLN A 82 2.19 1.99 13.33
N ASP A 83 1.88 3.06 12.60
CA ASP A 83 2.92 3.77 11.86
C ASP A 83 3.90 4.48 12.79
N ALA A 84 3.42 4.99 13.92
CA ALA A 84 4.30 5.70 14.84
C ALA A 84 5.30 4.78 15.54
N PHE A 85 5.01 3.48 15.63
CA PHE A 85 5.86 2.56 16.36
C PHE A 85 6.66 1.60 15.48
N SER A 86 6.40 1.58 14.17
CA SER A 86 7.03 0.59 13.32
C SER A 86 8.50 0.94 13.09
N GLY A 87 9.38 0.00 13.40
CA GLY A 87 10.80 0.18 13.16
C GLY A 87 11.48 1.22 14.01
N LEU A 88 10.92 1.53 15.19
CA LEU A 88 11.53 2.53 16.05
C LEU A 88 12.80 1.99 16.72
N PHE A 89 12.89 0.68 16.92
CA PHE A 89 14.02 0.04 17.57
C PHE A 89 14.83 -0.79 16.58
N TRP A 90 14.98 -0.29 15.35
CA TRP A 90 15.68 -1.01 14.31
C TRP A 90 16.81 -0.16 13.75
N GLN A 91 17.93 -0.80 13.43
CA GLN A 91 19.07 -0.17 12.79
C GLN A 91 19.48 -0.98 11.57
N PRO A 92 19.93 -0.31 10.50
CA PRO A 92 20.39 -0.97 9.27
C PRO A 92 21.62 -1.86 9.52
C ACE B 1 2.62 -1.49 4.63
O ACE B 1 2.40 -0.28 4.79
CH3 ACE B 1 2.08 -2.26 3.47
N MET B 2 3.32 -2.20 5.52
CA MET B 2 3.90 -1.59 6.70
C MET B 2 5.42 -1.49 6.56
N TYR B 3 6.02 -0.61 7.37
CA TYR B 3 7.45 -0.34 7.21
C TYR B 3 8.32 -1.50 7.67
N HIS B 4 7.90 -2.22 8.71
CA HIS B 4 8.78 -3.24 9.30
C HIS B 4 9.04 -4.43 8.38
N ASN B 5 8.30 -4.55 7.27
CA ASN B 5 8.63 -5.52 6.24
C ASN B 5 8.63 -4.89 4.85
N SER B 6 8.82 -3.57 4.77
CA SER B 6 8.79 -2.87 3.50
C SER B 6 10.11 -3.02 2.76
N SER B 7 10.06 -2.74 1.45
CA SER B 7 11.28 -2.71 0.66
C SER B 7 12.13 -1.48 0.98
N GLN B 8 11.53 -0.42 1.52
CA GLN B 8 12.30 0.75 1.91
C GLN B 8 13.29 0.41 3.02
N LYS B 9 12.84 -0.35 4.02
CA LYS B 9 13.74 -0.78 5.09
C LYS B 9 14.72 -1.84 4.59
N ARG B 10 14.28 -2.72 3.69
CA ARG B 10 15.11 -3.84 3.27
C ARG B 10 16.24 -3.42 2.34
N HIS B 11 15.97 -2.50 1.39
CA HIS B 11 16.93 -2.19 0.35
C HIS B 11 17.34 -0.72 0.27
N TRP B 12 16.64 0.18 0.94
CA TRP B 12 16.90 1.61 0.78
C TRP B 12 17.13 2.30 2.12
N THR B 13 17.66 1.57 3.10
CA THR B 13 18.10 2.16 4.36
C THR B 13 19.52 1.69 4.61
N PHE B 14 20.46 2.63 4.66
CA PHE B 14 21.88 2.31 4.66
C PHE B 14 22.51 2.65 6.02
N SER B 15 23.68 2.06 6.26
CA SER B 15 24.30 2.15 7.58
C SER B 15 24.80 3.56 7.88
N SER B 16 25.53 4.16 6.94
CA SER B 16 26.17 5.44 7.21
C SER B 16 26.29 6.23 5.92
N GLU B 17 26.64 7.52 6.07
CA GLU B 17 26.84 8.39 4.92
C GLU B 17 28.03 7.98 4.06
N GLU B 18 28.97 7.21 4.63
CA GLU B 18 30.12 6.76 3.86
C GLU B 18 29.68 5.83 2.73
N GLN B 19 28.71 4.96 2.99
CA GLN B 19 28.20 4.08 1.95
C GLN B 19 27.51 4.88 0.85
N LEU B 20 26.76 5.92 1.23
CA LEU B 20 26.12 6.77 0.23
C LEU B 20 27.17 7.47 -0.63
N ALA B 21 28.22 8.00 0.00
CA ALA B 21 29.29 8.64 -0.77
C ALA B 21 29.98 7.66 -1.68
N ARG B 22 30.17 6.42 -1.22
CA ARG B 22 30.78 5.39 -2.05
C ARG B 22 29.91 5.09 -3.26
N LEU B 23 28.59 4.98 -3.07
CA LEU B 23 27.70 4.72 -4.19
C LEU B 23 27.72 5.86 -5.19
N ARG B 24 27.69 7.11 -4.71
CA ARG B 24 27.71 8.25 -5.63
C ARG B 24 29.04 8.32 -6.39
N ALA B 25 30.16 8.06 -5.72
CA ALA B 25 31.44 8.06 -6.39
C ALA B 25 31.52 6.92 -7.41
N ASP B 26 30.95 5.76 -7.09
CA ASP B 26 30.91 4.66 -8.04
C ASP B 26 30.10 5.04 -9.28
N ALA B 27 28.97 5.72 -9.09
CA ALA B 27 28.18 6.16 -10.24
C ALA B 27 28.95 7.13 -11.11
N ASN B 28 29.62 8.11 -10.48
CA ASN B 28 30.41 9.08 -11.22
C ASN B 28 31.54 8.40 -12.00
N ARG B 29 32.24 7.48 -11.35
CA ARG B 29 33.34 6.77 -12.01
C ARG B 29 32.82 5.90 -13.16
N LYS B 30 31.68 5.25 -12.97
CA LYS B 30 31.11 4.44 -14.04
C LYS B 30 30.76 5.29 -15.25
N PHE B 31 30.15 6.46 -15.03
CA PHE B 31 29.82 7.29 -16.18
C PHE B 31 31.08 7.81 -16.86
N ARG B 32 32.11 8.16 -16.07
CA ARG B 32 33.37 8.59 -16.67
C ARG B 32 33.99 7.49 -17.51
N CYS B 33 33.97 6.25 -17.02
CA CYS B 33 34.52 5.14 -17.77
C CYS B 33 33.73 4.89 -19.05
N LYS B 34 32.41 5.02 -18.99
CA LYS B 34 31.60 4.89 -20.20
C LYS B 34 31.94 5.98 -21.20
N ALA B 35 32.09 7.21 -20.74
CA ALA B 35 32.41 8.32 -21.64
C ALA B 35 33.78 8.14 -22.27
N VAL B 36 34.76 7.66 -21.50
CA VAL B 36 36.09 7.43 -22.05
C VAL B 36 36.06 6.37 -23.15
N ALA B 37 35.35 5.28 -22.90
CA ALA B 37 35.22 4.21 -23.89
C ALA B 37 34.31 4.63 -25.03
N ASP B 45 39.18 14.98 -17.96
CA ASP B 45 38.75 16.18 -18.66
C ASP B 45 38.17 17.21 -17.70
N PRO B 46 38.48 18.48 -17.92
CA PRO B 46 37.96 19.53 -17.03
C PRO B 46 36.44 19.67 -17.08
N VAL B 47 35.79 19.20 -18.14
CA VAL B 47 34.34 19.36 -18.26
C VAL B 47 33.62 18.50 -17.23
N PHE B 48 34.20 17.38 -16.83
CA PHE B 48 33.56 16.50 -15.86
C PHE B 48 33.47 17.17 -14.50
N LEU B 49 32.32 16.99 -13.83
CA LEU B 49 32.14 17.49 -12.48
C LEU B 49 32.45 16.40 -11.45
N GLU B 50 33.05 16.81 -10.35
CA GLU B 50 33.42 15.91 -9.27
C GLU B 50 32.18 15.49 -8.47
N PRO B 51 32.27 14.39 -7.71
CA PRO B 51 31.11 13.94 -6.94
C PRO B 51 30.54 14.99 -6.00
N HIS B 52 31.38 15.83 -5.38
CA HIS B 52 30.85 16.88 -4.51
C HIS B 52 30.11 17.94 -5.31
N GLU B 53 30.59 18.25 -6.51
CA GLU B 53 29.85 19.15 -7.39
C GLU B 53 28.53 18.52 -7.84
N GLU B 54 28.54 17.21 -8.10
CA GLU B 54 27.30 16.50 -8.40
C GLU B 54 26.33 16.59 -7.23
N MET B 55 26.83 16.46 -6.00
CA MET B 55 25.99 16.59 -4.82
C MET B 55 25.41 18.00 -4.69
N THR B 56 26.22 19.02 -4.97
CA THR B 56 25.72 20.39 -4.93
C THR B 56 24.60 20.59 -5.95
N LEU B 57 24.80 20.09 -7.18
CA LEU B 57 23.77 20.22 -8.20
C LEU B 57 22.51 19.44 -7.83
N CYS B 58 22.68 18.25 -7.24
CA CYS B 58 21.54 17.45 -6.81
C CYS B 58 20.74 18.17 -5.73
N LYS B 59 21.43 18.79 -4.78
CA LYS B 59 20.73 19.56 -3.75
C LYS B 59 19.99 20.74 -4.34
N TYR B 60 20.63 21.46 -5.27
CA TYR B 60 19.97 22.60 -5.90
C TYR B 60 18.71 22.16 -6.64
N TYR B 61 18.80 21.05 -7.38
CA TYR B 61 17.64 20.59 -8.14
C TYR B 61 16.59 19.95 -7.24
N GLU B 62 16.97 19.40 -6.08
CA GLU B 62 15.97 18.97 -5.11
C GLU B 62 15.20 20.15 -4.55
N LYS B 63 15.89 21.27 -4.27
CA LYS B 63 15.18 22.48 -3.89
C LYS B 63 14.26 22.97 -5.01
N ARG B 64 14.73 22.89 -6.25
CA ARG B 64 13.88 23.28 -7.38
C ARG B 64 12.64 22.40 -7.46
N LEU B 65 12.80 21.10 -7.24
CA LEU B 65 11.65 20.20 -7.20
C LEU B 65 10.69 20.56 -6.07
N LEU B 66 11.24 20.93 -4.91
CA LEU B 66 10.39 21.29 -3.78
C LEU B 66 9.55 22.52 -4.10
N GLU B 67 10.17 23.56 -4.66
CA GLU B 67 9.40 24.74 -5.04
C GLU B 67 8.49 24.50 -6.24
N PHE B 68 8.81 23.52 -7.10
CA PHE B 68 7.87 23.17 -8.15
C PHE B 68 6.62 22.51 -7.58
N CYS B 69 6.79 21.61 -6.61
CA CYS B 69 5.65 20.95 -5.99
C CYS B 69 4.91 21.87 -5.01
N SER B 70 5.55 22.95 -4.55
CA SER B 70 4.89 23.85 -3.60
C SER B 70 3.76 24.63 -4.27
N VAL B 71 3.95 25.06 -5.51
CA VAL B 71 2.97 25.87 -6.21
C VAL B 71 2.19 25.05 -7.24
N PHE B 72 2.21 23.73 -7.13
CA PHE B 72 1.47 22.87 -8.04
C PHE B 72 -0.03 23.07 -7.84
N LYS B 73 -0.77 23.12 -8.95
CA LYS B 73 -2.21 23.26 -8.92
C LYS B 73 -2.84 22.16 -9.76
N PRO B 74 -3.77 21.37 -9.22
CA PRO B 74 -4.38 21.45 -7.88
C PRO B 74 -3.40 21.14 -6.75
N ALA B 75 -3.77 21.46 -5.51
CA ALA B 75 -2.85 21.35 -4.38
C ALA B 75 -2.31 19.93 -4.26
N MET B 76 -0.99 19.81 -4.13
CA MET B 76 -0.31 18.53 -4.04
C MET B 76 -0.22 18.08 -2.59
N PRO B 77 -0.63 16.85 -2.28
CA PRO B 77 -0.45 16.34 -0.91
C PRO B 77 1.03 16.26 -0.55
N ARG B 78 1.31 16.48 0.73
CA ARG B 78 2.69 16.48 1.20
C ARG B 78 3.34 15.11 1.08
N SER B 79 2.54 14.04 1.17
CA SER B 79 3.07 12.69 0.98
C SER B 79 3.59 12.49 -0.44
N VAL B 80 2.90 13.06 -1.42
CA VAL B 80 3.36 12.97 -2.81
C VAL B 80 4.69 13.69 -2.98
N VAL B 81 4.84 14.86 -2.36
CA VAL B 81 6.09 15.59 -2.43
C VAL B 81 7.22 14.80 -1.78
N GLY B 82 6.95 14.19 -0.63
CA GLY B 82 7.95 13.36 0.01
C GLY B 82 8.34 12.16 -0.85
N THR B 83 7.35 11.54 -1.49
CA THR B 83 7.63 10.41 -2.38
C THR B 83 8.50 10.84 -3.56
N ALA B 84 8.20 12.00 -4.13
CA ALA B 84 9.00 12.50 -5.25
C ALA B 84 10.43 12.79 -4.82
N CYS B 85 10.60 13.42 -3.65
CA CYS B 85 11.95 13.70 -3.15
C CYS B 85 12.73 12.42 -2.89
N MET B 86 12.05 11.41 -2.31
CA MET B 86 12.72 10.13 -2.08
C MET B 86 13.09 9.46 -3.39
N TYR B 87 12.23 9.57 -4.40
CA TYR B 87 12.54 9.05 -5.73
C TYR B 87 13.78 9.72 -6.29
N PHE B 88 13.88 11.04 -6.15
CA PHE B 88 15.04 11.78 -6.64
C PHE B 88 16.31 11.31 -5.94
N LYS B 89 16.26 11.22 -4.61
CA LYS B 89 17.43 10.79 -3.85
C LYS B 89 17.86 9.38 -4.22
N ARG B 90 16.90 8.46 -4.37
CA ARG B 90 17.23 7.09 -4.71
C ARG B 90 17.79 6.99 -6.13
N PHE B 91 17.23 7.75 -7.07
CA PHE B 91 17.72 7.71 -8.43
C PHE B 91 19.15 8.22 -8.51
N TYR B 92 19.47 9.30 -7.82
CA TYR B 92 20.80 9.87 -7.92
C TYR B 92 21.78 9.26 -6.92
N LEU B 93 21.42 8.16 -6.28
CA LEU B 93 22.40 7.36 -5.55
C LEU B 93 23.25 6.51 -6.48
N ASN B 94 22.67 6.03 -7.58
CA ASN B 94 23.36 5.15 -8.53
C ASN B 94 23.42 5.74 -9.93
N ASN B 95 23.09 7.02 -10.10
CA ASN B 95 23.11 7.67 -11.41
C ASN B 95 23.79 9.02 -11.29
N SER B 96 24.35 9.47 -12.41
CA SER B 96 25.09 10.73 -12.47
C SER B 96 24.25 11.78 -13.19
N VAL B 97 24.32 13.02 -12.69
CA VAL B 97 23.64 14.13 -13.35
C VAL B 97 24.22 14.40 -14.72
N MET B 98 25.42 13.89 -14.99
CA MET B 98 26.08 14.07 -16.27
C MET B 98 25.60 13.09 -17.34
N GLU B 99 24.80 12.09 -16.95
CA GLU B 99 24.16 11.18 -17.90
C GLU B 99 22.68 11.50 -18.09
N TYR B 100 21.94 11.68 -17.00
CA TYR B 100 20.54 12.05 -17.05
C TYR B 100 20.36 13.41 -16.39
N HIS B 101 19.74 14.33 -17.11
CA HIS B 101 19.65 15.70 -16.62
C HIS B 101 18.68 15.77 -15.44
N PRO B 102 19.10 16.33 -14.30
CA PRO B 102 18.18 16.42 -13.15
C PRO B 102 16.97 17.29 -13.39
N ARG B 103 17.02 18.21 -14.36
CA ARG B 103 15.86 19.04 -14.66
C ARG B 103 14.69 18.19 -15.15
N ILE B 104 14.96 17.19 -15.98
CA ILE B 104 13.91 16.29 -16.44
C ILE B 104 13.62 15.21 -15.40
N ILE B 105 14.64 14.78 -14.65
CA ILE B 105 14.45 13.72 -13.68
C ILE B 105 13.55 14.17 -12.55
N MET B 106 13.65 15.43 -12.15
CA MET B 106 12.75 15.94 -11.10
C MET B 106 11.29 15.91 -11.57
N LEU B 107 11.04 16.27 -12.83
CA LEU B 107 9.69 16.24 -13.34
C LEU B 107 9.17 14.82 -13.48
N THR B 108 10.04 13.90 -13.91
CA THR B 108 9.65 12.49 -13.97
C THR B 108 9.35 11.95 -12.58
N CYS B 109 10.14 12.37 -11.58
CA CYS B 109 9.88 11.96 -10.21
C CYS B 109 8.53 12.47 -9.71
N ALA B 110 8.22 13.74 -9.99
CA ALA B 110 6.92 14.26 -9.59
C ALA B 110 5.78 13.54 -10.30
N PHE B 111 5.96 13.22 -11.59
CA PHE B 111 4.95 12.49 -12.35
C PHE B 111 4.70 11.12 -11.74
N LEU B 112 5.77 10.37 -11.48
CA LEU B 112 5.64 9.04 -10.92
C LEU B 112 5.06 9.07 -9.50
N ALA B 113 5.45 10.08 -8.71
CA ALA B 113 4.90 10.20 -7.37
C ALA B 113 3.41 10.49 -7.41
N CYS B 114 2.98 11.36 -8.32
CA CYS B 114 1.55 11.63 -8.47
C CYS B 114 0.81 10.37 -8.89
N LYS B 115 1.39 9.58 -9.79
CA LYS B 115 0.74 8.36 -10.22
C LYS B 115 0.64 7.33 -9.10
N VAL B 116 1.74 7.13 -8.36
CA VAL B 116 1.78 6.07 -7.36
C VAL B 116 0.90 6.40 -6.17
N ASP B 117 0.92 7.65 -5.72
CA ASP B 117 0.17 8.07 -4.54
C ASP B 117 -1.33 8.23 -4.80
N GLU B 118 -1.82 7.75 -5.94
CA GLU B 118 -3.24 7.82 -6.29
C GLU B 118 -3.75 9.26 -6.31
N PHE B 119 -2.87 10.19 -6.66
CA PHE B 119 -3.25 11.60 -6.81
C PHE B 119 -3.53 11.82 -8.29
N ASN B 120 -4.81 11.71 -8.66
CA ASN B 120 -5.21 11.68 -10.07
C ASN B 120 -5.02 13.05 -10.69
N VAL B 121 -4.06 13.15 -11.61
CA VAL B 121 -3.77 14.36 -12.37
C VAL B 121 -3.44 13.96 -13.80
N SER B 122 -4.07 14.61 -14.76
CA SER B 122 -3.80 14.30 -16.16
C SER B 122 -2.51 15.01 -16.62
N SER B 123 -1.97 14.50 -17.73
CA SER B 123 -0.73 15.08 -18.25
C SER B 123 -0.84 16.54 -18.65
N PRO B 124 -1.89 17.00 -19.36
CA PRO B 124 -1.96 18.43 -19.69
C PRO B 124 -1.95 19.34 -18.48
N GLN B 125 -2.72 19.02 -17.44
CA GLN B 125 -2.71 19.86 -16.25
C GLN B 125 -1.43 19.69 -15.44
N PHE B 126 -0.73 18.58 -15.61
CA PHE B 126 0.59 18.44 -14.99
C PHE B 126 1.59 19.38 -15.65
N VAL B 127 1.64 19.39 -16.99
CA VAL B 127 2.60 20.24 -17.67
C VAL B 127 2.17 21.70 -17.69
N GLY B 128 0.90 21.99 -17.41
CA GLY B 128 0.48 23.38 -17.31
C GLY B 128 1.06 24.13 -16.13
N ASN B 129 1.63 23.42 -15.16
CA ASN B 129 2.26 24.06 -14.01
C ASN B 129 3.68 24.54 -14.30
N LEU B 130 4.21 24.24 -15.48
CA LEU B 130 5.54 24.69 -15.88
C LEU B 130 5.48 26.08 -16.46
N ARG B 131 6.42 26.93 -16.07
CA ARG B 131 6.51 28.30 -16.59
C ARG B 131 7.23 28.30 -17.94
N GLU B 132 6.60 27.65 -18.91
CA GLU B 132 7.18 27.48 -20.24
C GLU B 132 6.10 27.64 -21.29
N SER B 133 6.53 27.82 -22.54
CA SER B 133 5.62 27.91 -23.66
C SER B 133 4.96 26.56 -23.92
N PRO B 134 3.81 26.55 -24.60
CA PRO B 134 3.14 25.26 -24.87
C PRO B 134 4.02 24.27 -25.63
N LEU B 135 4.84 24.74 -26.56
CA LEU B 135 5.80 23.86 -27.21
C LEU B 135 6.81 23.31 -26.22
N GLY B 136 7.30 24.17 -25.32
CA GLY B 136 8.20 23.70 -24.27
C GLY B 136 7.53 22.71 -23.34
N GLN B 137 6.26 22.95 -23.01
CA GLN B 137 5.51 22.02 -22.18
C GLN B 137 5.35 20.67 -22.86
N GLU B 138 5.07 20.67 -24.17
CA GLU B 138 4.94 19.42 -24.90
C GLU B 138 6.28 18.68 -24.95
N LYS B 139 7.38 19.40 -25.15
CA LYS B 139 8.70 18.77 -25.15
C LYS B 139 9.00 18.17 -23.78
N ALA B 140 8.69 18.90 -22.71
CA ALA B 140 8.91 18.38 -21.36
C ALA B 140 8.06 17.15 -21.10
N LEU B 141 6.82 17.16 -21.58
CA LEU B 141 5.95 16.00 -21.41
C LEU B 141 6.52 14.79 -22.14
N GLU B 142 7.02 14.99 -23.37
CA GLU B 142 7.62 13.88 -24.11
C GLU B 142 8.85 13.35 -23.38
N GLN B 143 9.67 14.24 -22.83
CA GLN B 143 10.84 13.81 -22.06
C GLN B 143 10.43 13.01 -20.83
N ILE B 144 9.39 13.47 -20.12
CA ILE B 144 8.91 12.76 -18.95
C ILE B 144 8.41 11.37 -19.33
N LEU B 145 7.66 11.28 -20.44
CA LEU B 145 7.15 9.99 -20.87
C LEU B 145 8.28 9.04 -21.27
N GLU B 146 9.34 9.60 -21.86
CA GLU B 146 10.49 8.77 -22.22
C GLU B 146 11.24 8.29 -20.98
N TYR B 147 11.30 9.12 -19.94
CA TYR B 147 12.11 8.79 -18.77
C TYR B 147 11.33 8.08 -17.66
N GLU B 148 10.02 7.93 -17.78
CA GLU B 148 9.24 7.30 -16.71
C GLU B 148 9.66 5.86 -16.47
N LEU B 149 9.82 5.08 -17.54
CA LEU B 149 10.22 3.69 -17.39
C LEU B 149 11.65 3.60 -16.85
N LEU B 150 12.53 4.50 -17.27
CA LEU B 150 13.89 4.51 -16.74
C LEU B 150 13.88 4.80 -15.25
N LEU B 151 13.07 5.76 -14.80
CA LEU B 151 12.97 6.05 -13.38
C LEU B 151 12.44 4.84 -12.62
N ILE B 152 11.42 4.18 -13.15
CA ILE B 152 10.86 3.01 -12.47
C ILE B 152 11.90 1.90 -12.37
N GLN B 153 12.65 1.67 -13.45
CA GLN B 153 13.65 0.60 -13.44
C GLN B 153 14.82 0.92 -12.52
N GLN B 154 15.17 2.21 -12.39
CA GLN B 154 16.25 2.60 -11.49
C GLN B 154 15.83 2.58 -10.02
N LEU B 155 14.54 2.51 -9.74
CA LEU B 155 14.04 2.37 -8.38
C LEU B 155 13.90 0.93 -7.94
N ASN B 156 14.29 -0.03 -8.78
CA ASN B 156 14.16 -1.46 -8.51
C ASN B 156 12.70 -1.85 -8.30
N PHE B 157 11.78 -1.10 -8.93
CA PHE B 157 10.34 -1.32 -8.81
C PHE B 157 9.87 -1.21 -7.36
N HIS B 158 10.54 -0.38 -6.57
CA HIS B 158 10.17 -0.12 -5.18
C HIS B 158 9.53 1.25 -5.15
N LEU B 159 8.22 1.29 -5.31
CA LEU B 159 7.49 2.55 -5.44
C LEU B 159 6.83 3.02 -4.16
N ILE B 160 6.55 2.13 -3.22
CA ILE B 160 5.93 2.51 -1.96
C ILE B 160 6.99 3.15 -1.07
N VAL B 161 6.75 4.40 -0.69
CA VAL B 161 7.68 5.18 0.12
C VAL B 161 7.00 5.52 1.43
N HIS B 162 7.67 5.24 2.54
CA HIS B 162 7.15 5.54 3.87
C HIS B 162 7.71 6.87 4.33
N ASN B 163 6.84 7.81 4.61
CA ASN B 163 7.13 9.18 5.02
C ASN B 163 6.93 9.33 6.53
N PRO B 164 7.61 10.28 7.16
CA PRO B 164 7.48 10.44 8.62
C PRO B 164 6.22 11.16 9.09
N TYR B 165 5.34 11.57 8.17
CA TYR B 165 4.18 12.37 8.58
C TYR B 165 3.15 11.53 9.32
N ARG B 166 2.84 10.33 8.81
CA ARG B 166 1.92 9.44 9.53
C ARG B 166 2.48 9.01 10.88
N PRO B 167 3.76 8.58 10.99
CA PRO B 167 4.32 8.36 12.33
C PRO B 167 4.29 9.59 13.21
N PHE B 168 4.47 10.78 12.64
CA PHE B 168 4.37 12.01 13.41
C PHE B 168 2.98 12.17 14.01
N GLU B 169 1.94 11.93 13.20
CA GLU B 169 0.58 12.02 13.69
C GLU B 169 0.30 10.98 14.76
N GLY B 170 0.80 9.75 14.55
CA GLY B 170 0.59 8.71 15.55
C GLY B 170 1.28 9.04 16.87
N PHE B 171 2.50 9.57 16.80
CA PHE B 171 3.20 10.00 18.01
C PHE B 171 2.45 11.13 18.71
N LEU B 172 1.89 12.06 17.93
CA LEU B 172 1.12 13.14 18.54
C LEU B 172 -0.11 12.59 19.25
N ILE B 173 -0.79 11.62 18.65
CA ILE B 173 -1.95 11.00 19.29
C ILE B 173 -1.53 10.31 20.59
N ASP B 174 -0.43 9.57 20.55
CA ASP B 174 0.05 8.89 21.76
C ASP B 174 0.43 9.89 22.84
N LEU B 175 1.06 11.01 22.46
CA LEU B 175 1.41 12.03 23.45
C LEU B 175 0.16 12.66 24.06
N LYS B 176 -0.86 12.91 23.24
CA LYS B 176 -2.10 13.46 23.77
C LYS B 176 -2.81 12.47 24.69
N THR B 177 -2.64 11.17 24.45
CA THR B 177 -3.36 10.17 25.24
C THR B 177 -2.63 9.80 26.53
N ARG B 178 -1.39 9.31 26.42
CA ARG B 178 -0.70 8.66 27.52
C ARG B 178 0.34 9.53 28.21
N TYR B 179 0.42 10.82 27.87
CA TYR B 179 1.41 11.72 28.45
C TYR B 179 0.73 12.98 28.95
N PRO B 180 0.08 12.92 30.12
CA PRO B 180 -0.55 14.13 30.68
C PRO B 180 0.44 15.22 31.05
N ILE B 181 1.72 14.88 31.24
CA ILE B 181 2.71 15.89 31.61
C ILE B 181 2.85 16.93 30.51
N LEU B 182 2.88 16.50 29.25
CA LEU B 182 2.84 17.41 28.12
C LEU B 182 1.39 17.82 27.91
N GLU B 183 1.04 19.00 28.44
CA GLU B 183 -0.36 19.41 28.48
C GLU B 183 -0.95 19.60 27.09
N ASN B 184 -0.22 20.28 26.21
CA ASN B 184 -0.70 20.59 24.85
C ASN B 184 0.37 20.18 23.85
N PRO B 185 0.36 18.92 23.41
CA PRO B 185 1.33 18.48 22.40
C PRO B 185 1.17 19.14 21.05
N GLU B 186 0.14 19.96 20.85
CA GLU B 186 -0.06 20.64 19.57
C GLU B 186 0.78 21.90 19.43
N ILE B 187 1.41 22.38 20.51
CA ILE B 187 2.29 23.55 20.40
C ILE B 187 3.66 23.18 19.84
N LEU B 188 3.97 21.90 19.70
CA LEU B 188 5.22 21.45 19.12
C LEU B 188 5.12 21.15 17.63
N ARG B 189 3.98 21.42 17.01
CA ARG B 189 3.76 20.99 15.63
C ARG B 189 4.58 21.82 14.66
N LYS B 190 4.61 23.14 14.83
CA LYS B 190 5.27 24.01 13.86
C LYS B 190 6.78 23.76 13.83
N THR B 191 7.42 23.73 15.00
CA THR B 191 8.87 23.54 15.05
C THR B 191 9.25 22.13 14.60
N ALA B 192 8.43 21.13 14.94
CA ALA B 192 8.68 19.78 14.46
C ALA B 192 8.56 19.71 12.94
N ASP B 193 7.59 20.42 12.36
CA ASP B 193 7.47 20.48 10.90
C ASP B 193 8.69 21.14 10.27
N ASP B 194 9.18 22.22 10.90
CA ASP B 194 10.39 22.87 10.40
C ASP B 194 11.58 21.92 10.45
N PHE B 195 11.71 21.17 11.55
CA PHE B 195 12.79 20.20 11.66
C PHE B 195 12.65 19.10 10.62
N LEU B 196 11.43 18.66 10.34
CA LEU B 196 11.21 17.67 9.28
C LEU B 196 11.63 18.21 7.93
N ASN B 197 11.30 19.47 7.65
CA ASN B 197 11.72 20.09 6.39
C ASN B 197 13.23 20.16 6.29
N ARG B 198 13.91 20.50 7.38
CA ARG B 198 15.37 20.53 7.36
C ARG B 198 15.96 19.14 7.26
N ILE B 199 15.29 18.13 7.82
CA ILE B 199 15.73 16.74 7.68
C ILE B 199 15.66 16.30 6.23
N ALA B 200 14.58 16.68 5.54
CA ALA B 200 14.38 16.26 4.16
C ALA B 200 15.53 16.71 3.24
N LEU B 201 16.22 17.79 3.61
CA LEU B 201 17.32 18.28 2.77
C LEU B 201 18.53 17.37 2.88
N THR B 202 18.79 16.81 4.05
CA THR B 202 19.98 15.98 4.26
C THR B 202 19.70 14.56 3.78
N ASP B 203 20.63 13.65 4.09
CA ASP B 203 20.51 12.24 3.70
C ASP B 203 19.84 11.39 4.78
N ALA B 204 19.06 12.01 5.67
CA ALA B 204 18.45 11.27 6.78
C ALA B 204 17.41 10.26 6.29
N TYR B 205 16.75 10.54 5.16
CA TYR B 205 15.72 9.64 4.66
C TYR B 205 16.28 8.30 4.23
N LEU B 206 17.55 8.23 3.86
CA LEU B 206 18.18 6.98 3.44
C LEU B 206 18.94 6.29 4.56
N LEU B 207 18.94 6.84 5.77
CA LEU B 207 19.70 6.28 6.87
C LEU B 207 18.89 5.96 8.11
N TYR B 208 17.66 6.46 8.23
CA TYR B 208 16.86 6.29 9.42
C TYR B 208 15.42 5.95 9.06
N THR B 209 14.72 5.35 10.00
CA THR B 209 13.32 5.00 9.79
C THR B 209 12.44 6.24 9.95
N PRO B 210 11.28 6.27 9.29
CA PRO B 210 10.38 7.43 9.44
C PRO B 210 9.95 7.70 10.87
N SER B 211 9.72 6.66 11.67
CA SER B 211 9.31 6.87 13.06
C SER B 211 10.43 7.52 13.86
N GLN B 212 11.68 7.09 13.65
CA GLN B 212 12.80 7.71 14.33
C GLN B 212 12.94 9.18 13.95
N ILE B 213 12.73 9.50 12.68
CA ILE B 213 12.81 10.89 12.22
C ILE B 213 11.71 11.72 12.86
N ALA B 214 10.49 11.18 12.92
CA ALA B 214 9.39 11.91 13.52
C ALA B 214 9.63 12.15 15.01
N LEU B 215 10.12 11.14 15.72
CA LEU B 215 10.40 11.31 17.14
C LEU B 215 11.52 12.31 17.36
N THR B 216 12.54 12.28 16.50
CA THR B 216 13.62 13.26 16.58
C THR B 216 13.10 14.68 16.40
N ALA B 217 12.23 14.88 15.41
CA ALA B 217 11.65 16.20 15.20
C ALA B 217 10.83 16.65 16.40
N ILE B 218 10.03 15.74 16.96
CA ILE B 218 9.19 16.08 18.10
C ILE B 218 10.05 16.48 19.30
N LEU B 219 11.08 15.70 19.59
CA LEU B 219 11.89 15.99 20.77
C LEU B 219 12.81 17.19 20.54
N SER B 220 13.20 17.46 19.29
CA SER B 220 13.91 18.70 18.99
C SER B 220 13.02 19.91 19.25
N SER B 221 11.76 19.82 18.83
CA SER B 221 10.82 20.91 19.12
C SER B 221 10.62 21.07 20.62
N ALA B 222 10.52 19.95 21.34
CA ALA B 222 10.35 20.03 22.80
C ALA B 222 11.56 20.68 23.46
N SER B 223 12.77 20.30 23.04
CA SER B 223 13.97 20.90 23.61
C SER B 223 14.03 22.39 23.30
N ARG B 224 13.70 22.79 22.07
CA ARG B 224 13.64 24.20 21.73
C ARG B 224 12.52 24.92 22.46
N ALA B 225 11.53 24.20 22.98
CA ALA B 225 10.47 24.78 23.78
C ALA B 225 10.75 24.72 25.28
N GLY B 226 11.87 24.14 25.68
CA GLY B 226 12.22 24.04 27.09
C GLY B 226 11.58 22.88 27.83
N ILE B 227 10.99 21.93 27.11
CA ILE B 227 10.31 20.78 27.72
C ILE B 227 11.18 19.55 27.57
N THR B 228 11.39 18.82 28.66
CA THR B 228 12.15 17.58 28.66
C THR B 228 11.19 16.42 28.82
N MET B 229 11.28 15.44 27.90
CA MET B 229 10.41 14.27 27.90
C MET B 229 11.23 12.99 27.87
N GLU B 230 12.24 12.91 28.73
CA GLU B 230 12.96 11.65 28.90
C GLU B 230 12.07 10.59 29.53
N SER B 231 11.08 11.01 30.33
CA SER B 231 10.14 10.07 30.92
C SER B 231 9.25 9.42 29.86
N TYR B 232 8.91 10.16 28.80
CA TYR B 232 8.12 9.59 27.71
C TYR B 232 8.86 8.42 27.07
N LEU B 233 10.16 8.57 26.84
CA LEU B 233 10.94 7.46 26.29
C LEU B 233 11.09 6.34 27.32
N SER B 234 11.48 6.69 28.55
CA SER B 234 11.78 5.65 29.54
C SER B 234 10.52 4.97 30.06
N GLU B 235 9.49 5.75 30.39
CA GLU B 235 8.31 5.19 31.04
C GLU B 235 7.20 4.84 30.03
N SER B 236 6.74 5.82 29.26
CA SER B 236 5.61 5.60 28.37
C SER B 236 5.92 4.55 27.30
N LEU B 237 7.15 4.55 26.79
CA LEU B 237 7.56 3.61 25.77
C LEU B 237 8.16 2.33 26.34
N MET B 238 8.12 2.16 27.67
CA MET B 238 8.59 0.94 28.33
C MET B 238 10.06 0.65 28.03
N LEU B 239 10.88 1.70 27.94
CA LEU B 239 12.30 1.54 27.70
C LEU B 239 13.11 1.45 28.98
N LYS B 240 12.48 1.61 30.14
CA LYS B 240 13.18 1.41 31.40
C LYS B 240 13.56 -0.04 31.63
N GLU B 241 12.90 -0.97 30.94
CA GLU B 241 13.31 -2.38 30.99
C GLU B 241 14.56 -2.65 30.16
N ASN B 242 14.73 -1.93 29.05
CA ASN B 242 15.82 -2.14 28.10
C ASN B 242 16.60 -0.83 28.00
N ARG B 243 17.66 -0.72 28.83
CA ARG B 243 18.40 0.54 28.89
C ARG B 243 19.25 0.75 27.64
N THR B 244 19.84 -0.32 27.10
CA THR B 244 20.66 -0.16 25.91
C THR B 244 19.82 0.26 24.70
N CYS B 245 18.55 -0.16 24.65
CA CYS B 245 17.66 0.35 23.61
C CYS B 245 17.46 1.85 23.72
N LEU B 246 17.27 2.35 24.95
CA LEU B 246 17.13 3.78 25.15
C LEU B 246 18.41 4.52 24.75
N SER B 247 19.57 3.97 25.10
CA SER B 247 20.83 4.60 24.73
C SER B 247 20.99 4.64 23.21
N GLN B 248 20.65 3.54 22.53
CA GLN B 248 20.74 3.50 21.07
C GLN B 248 19.79 4.51 20.44
N LEU B 249 18.57 4.62 20.96
CA LEU B 249 17.63 5.58 20.41
C LEU B 249 18.12 7.02 20.60
N LEU B 250 18.64 7.33 21.78
CA LEU B 250 19.16 8.67 22.04
C LEU B 250 20.35 8.97 21.14
N ASP B 251 21.22 7.99 20.92
CA ASP B 251 22.36 8.18 20.02
C ASP B 251 21.88 8.42 18.60
N ILE B 252 20.84 7.72 18.17
CA ILE B 252 20.28 7.93 16.84
C ILE B 252 19.74 9.36 16.71
N MET B 253 19.03 9.84 17.74
CA MET B 253 18.54 11.21 17.70
C MET B 253 19.69 12.22 17.65
N LYS B 254 20.74 11.98 18.44
CA LYS B 254 21.89 12.89 18.42
C LYS B 254 22.57 12.90 17.06
N SER B 255 22.70 11.73 16.43
CA SER B 255 23.28 11.67 15.09
C SER B 255 22.41 12.41 14.08
N MET B 256 21.09 12.29 14.20
CA MET B 256 20.21 13.03 13.30
C MET B 256 20.37 14.54 13.47
N ARG B 257 20.45 15.00 14.73
CA ARG B 257 20.63 16.42 14.98
C ARG B 257 21.97 16.91 14.44
N ASN B 258 23.02 16.10 14.60
CA ASN B 258 24.33 16.45 14.06
C ASN B 258 24.29 16.53 12.53
N LEU B 259 23.58 15.60 11.89
CA LEU B 259 23.41 15.65 10.43
C LEU B 259 22.70 16.92 10.02
N VAL B 260 21.66 17.31 10.75
CA VAL B 260 20.90 18.51 10.40
C VAL B 260 21.78 19.75 10.56
N LYS B 261 22.52 19.85 11.65
CA LYS B 261 23.24 21.08 11.97
C LYS B 261 24.43 21.32 11.05
N LYS B 262 24.98 20.27 10.43
CA LYS B 262 26.17 20.40 9.60
C LYS B 262 25.85 20.53 8.11
N TYR B 263 24.57 20.55 7.74
CA TYR B 263 24.20 20.68 6.34
C TYR B 263 24.42 22.11 5.86
N GLU B 264 25.03 22.24 4.69
CA GLU B 264 25.31 23.55 4.10
C GLU B 264 24.51 23.71 2.81
N PRO B 265 23.65 24.71 2.71
CA PRO B 265 22.91 24.92 1.46
C PRO B 265 23.84 25.32 0.34
N PRO B 266 23.50 24.99 -0.90
CA PRO B 266 24.36 25.38 -2.03
C PRO B 266 24.41 26.88 -2.21
N ARG B 267 25.54 27.35 -2.74
CA ARG B 267 25.78 28.77 -2.96
C ARG B 267 25.48 29.13 -4.42
N SER B 268 25.02 30.37 -4.63
CA SER B 268 24.52 30.77 -5.94
C SER B 268 25.63 30.75 -6.99
N GLU B 269 26.82 31.26 -6.66
CA GLU B 269 27.91 31.31 -7.63
C GLU B 269 28.35 29.91 -8.04
N GLU B 270 28.54 29.03 -7.05
CA GLU B 270 28.90 27.66 -7.36
C GLU B 270 27.80 26.96 -8.14
N VAL B 271 26.54 27.24 -7.80
CA VAL B 271 25.42 26.65 -8.53
C VAL B 271 25.45 27.07 -9.99
N ALA B 272 25.70 28.37 -10.25
CA ALA B 272 25.75 28.84 -11.63
C ALA B 272 26.91 28.21 -12.39
N VAL B 273 28.09 28.13 -11.77
CA VAL B 273 29.24 27.54 -12.43
C VAL B 273 28.97 26.06 -12.76
N LEU B 274 28.40 25.33 -11.80
CA LEU B 274 28.09 23.93 -12.04
C LEU B 274 26.99 23.75 -13.08
N LYS B 275 26.03 24.67 -13.13
CA LYS B 275 25.01 24.62 -14.17
C LYS B 275 25.61 24.81 -15.54
N GLN B 276 26.54 25.75 -15.68
CA GLN B 276 27.24 25.92 -16.95
C GLN B 276 28.01 24.66 -17.32
N LYS B 277 28.71 24.07 -16.34
CA LYS B 277 29.45 22.84 -16.61
C LYS B 277 28.55 21.71 -17.04
N LEU B 278 27.39 21.58 -16.38
CA LEU B 278 26.44 20.51 -16.71
C LEU B 278 25.83 20.72 -18.09
N GLU B 279 25.52 21.97 -18.44
CA GLU B 279 25.01 22.26 -19.78
C GLU B 279 26.06 21.92 -20.83
N ARG B 280 27.32 22.24 -20.57
CA ARG B 280 28.39 21.87 -21.49
C ARG B 280 28.52 20.35 -21.61
N CYS B 281 28.39 19.64 -20.49
CA CYS B 281 28.45 18.19 -20.52
C CYS B 281 27.32 17.58 -21.35
N HIS B 282 26.11 18.09 -21.17
CA HIS B 282 24.96 17.50 -21.85
C HIS B 282 24.88 17.89 -23.32
N SER B 283 25.31 19.11 -23.66
CA SER B 283 25.31 19.52 -25.07
C SER B 283 26.28 18.66 -25.88
N ALA B 284 27.46 18.38 -25.33
CA ALA B 284 28.46 17.58 -26.02
C ALA B 284 28.12 16.09 -25.92
N LYS C 13 12.74 -10.54 -25.99
CA LYS C 13 13.05 -10.59 -24.57
C LYS C 13 13.55 -11.97 -24.18
N ARG C 14 13.38 -12.32 -22.89
CA ARG C 14 13.81 -13.61 -22.36
C ARG C 14 12.66 -14.60 -22.25
N TYR C 15 11.49 -14.27 -22.77
CA TYR C 15 10.30 -15.11 -22.64
C TYR C 15 9.73 -15.42 -24.01
N GLU C 16 9.27 -16.66 -24.18
CA GLU C 16 8.66 -17.12 -25.42
C GLU C 16 7.19 -17.46 -25.15
N LYS C 17 6.31 -16.90 -25.98
CA LYS C 17 4.88 -17.16 -25.82
C LYS C 17 4.57 -18.63 -26.07
N LEU C 18 3.72 -19.20 -25.23
CA LEU C 18 3.32 -20.60 -25.34
C LEU C 18 1.84 -20.78 -25.58
N ASP C 19 0.99 -20.13 -24.79
CA ASP C 19 -0.46 -20.28 -24.91
C ASP C 19 -1.10 -18.91 -24.72
N PHE C 20 -2.41 -18.91 -24.50
CA PHE C 20 -3.18 -17.70 -24.26
C PHE C 20 -4.08 -17.95 -23.04
N LEU C 21 -3.75 -17.34 -21.91
CA LEU C 21 -4.45 -17.62 -20.67
C LEU C 21 -5.78 -16.90 -20.54
N GLY C 22 -6.04 -15.89 -21.35
CA GLY C 22 -7.29 -15.17 -21.34
C GLY C 22 -7.08 -13.68 -21.33
N GLU C 23 -8.20 -12.96 -21.33
CA GLU C 23 -8.22 -11.50 -21.35
C GLU C 23 -8.76 -10.98 -20.03
N GLY C 24 -7.99 -10.10 -19.38
CA GLY C 24 -8.44 -9.45 -18.17
C GLY C 24 -9.21 -8.17 -18.46
N GLN C 25 -9.57 -7.47 -17.39
CA GLN C 25 -10.28 -6.22 -17.53
C GLN C 25 -9.38 -5.08 -18.01
N PHE C 26 -8.05 -5.24 -17.87
CA PHE C 26 -7.12 -4.19 -18.29
C PHE C 26 -5.88 -4.73 -19.00
N ALA C 27 -5.80 -6.03 -19.26
CA ALA C 27 -4.59 -6.59 -19.84
C ALA C 27 -4.90 -7.91 -20.50
N THR C 28 -3.96 -8.37 -21.32
CA THR C 28 -4.00 -9.68 -21.95
C THR C 28 -2.91 -10.55 -21.35
N VAL C 29 -3.29 -11.72 -20.84
CA VAL C 29 -2.38 -12.62 -20.13
C VAL C 29 -2.13 -13.84 -21.00
N TYR C 30 -0.87 -14.26 -21.06
CA TYR C 30 -0.54 -15.47 -21.79
C TYR C 30 0.53 -16.25 -21.02
N LYS C 31 0.52 -17.57 -21.22
CA LYS C 31 1.50 -18.45 -20.61
C LYS C 31 2.78 -18.43 -21.45
N ALA C 32 3.92 -18.20 -20.80
CA ALA C 32 5.19 -18.03 -21.50
C ALA C 32 6.29 -18.76 -20.75
N ARG C 33 7.37 -19.04 -21.47
CA ARG C 33 8.53 -19.71 -20.91
C ARG C 33 9.77 -18.82 -20.99
N ILE C 40 8.03 -21.93 -16.03
CA ILE C 40 6.88 -21.36 -16.73
C ILE C 40 6.33 -20.18 -15.96
N VAL C 41 5.97 -19.11 -16.68
CA VAL C 41 5.47 -17.88 -16.08
C VAL C 41 4.24 -17.44 -16.86
N ALA C 42 3.58 -16.41 -16.34
CA ALA C 42 2.42 -15.80 -16.98
C ALA C 42 2.69 -14.31 -17.16
N ILE C 43 2.45 -13.81 -18.38
CA ILE C 43 2.77 -12.43 -18.72
C ILE C 43 1.47 -11.68 -19.01
N LYS C 44 1.28 -10.56 -18.32
CA LYS C 44 0.18 -9.65 -18.59
C LYS C 44 0.68 -8.49 -19.44
N LYS C 45 0.07 -8.33 -20.61
CA LYS C 45 0.33 -7.21 -21.51
C LYS C 45 -0.69 -6.11 -21.18
N ILE C 46 -0.25 -5.07 -20.49
CA ILE C 46 -1.15 -3.98 -20.12
C ILE C 46 -1.51 -3.18 -21.36
N LYS C 47 -2.75 -2.71 -21.41
CA LYS C 47 -3.24 -1.94 -22.55
C LYS C 47 -2.47 -0.62 -22.69
N LYS C 55 -1.00 9.51 -24.15
CA LYS C 55 -0.02 10.47 -23.65
C LYS C 55 -0.06 10.54 -22.12
N ASP C 56 -0.74 9.59 -21.50
CA ASP C 56 -0.85 9.53 -20.05
C ASP C 56 0.29 8.74 -19.40
N GLY C 57 1.11 8.06 -20.19
CA GLY C 57 2.22 7.31 -19.65
C GLY C 57 1.87 5.86 -19.38
N ILE C 58 2.64 5.26 -18.47
CA ILE C 58 2.42 3.87 -18.10
C ILE C 58 1.08 3.74 -17.37
N ASN C 59 0.33 2.70 -17.71
CA ASN C 59 -1.03 2.53 -17.20
C ASN C 59 -1.04 2.44 -15.68
N ARG C 60 -2.02 3.09 -15.06
CA ARG C 60 -2.09 3.17 -13.61
C ARG C 60 -2.38 1.82 -12.96
N THR C 61 -3.11 0.95 -13.65
CA THR C 61 -3.43 -0.36 -13.08
C THR C 61 -2.18 -1.21 -12.88
N ALA C 62 -1.28 -1.22 -13.87
CA ALA C 62 -0.03 -1.96 -13.73
C ALA C 62 0.85 -1.36 -12.63
N LEU C 63 0.90 -0.03 -12.53
CA LEU C 63 1.66 0.61 -11.47
C LEU C 63 1.11 0.24 -10.10
N ARG C 64 -0.22 0.23 -9.97
CA ARG C 64 -0.85 -0.17 -8.72
C ARG C 64 -0.51 -1.61 -8.37
N GLU C 65 -0.59 -2.50 -9.36
CA GLU C 65 -0.25 -3.91 -9.11
C GLU C 65 1.20 -4.07 -8.66
N ILE C 66 2.12 -3.36 -9.33
CA ILE C 66 3.53 -3.46 -8.97
C ILE C 66 3.76 -2.92 -7.56
N LYS C 67 3.24 -1.73 -7.28
CA LYS C 67 3.50 -1.09 -5.99
C LYS C 67 2.89 -1.87 -4.84
N LEU C 68 1.80 -2.60 -5.08
CA LEU C 68 1.22 -3.38 -4.00
C LEU C 68 1.83 -4.76 -3.87
N LEU C 69 2.22 -5.39 -4.99
CA LEU C 69 2.79 -6.74 -4.91
C LEU C 69 4.27 -6.74 -4.60
N GLN C 70 4.94 -5.59 -4.65
CA GLN C 70 6.33 -5.50 -4.23
C GLN C 70 6.49 -5.28 -2.74
N GLU C 71 5.39 -5.17 -1.99
CA GLU C 71 5.43 -4.91 -0.56
C GLU C 71 4.84 -6.03 0.28
N LEU C 72 4.31 -7.08 -0.34
CA LEU C 72 3.65 -8.17 0.38
C LEU C 72 4.37 -9.48 0.12
N SER C 73 4.39 -10.34 1.13
CA SER C 73 5.03 -11.65 1.01
C SER C 73 4.25 -12.64 1.88
N HIS C 74 3.31 -13.34 1.25
CA HIS C 74 2.53 -14.39 1.90
C HIS C 74 2.35 -15.55 0.94
N PRO C 75 2.30 -16.78 1.44
CA PRO C 75 2.08 -17.93 0.54
C PRO C 75 0.78 -17.85 -0.24
N ASN C 76 -0.25 -17.20 0.29
CA ASN C 76 -1.55 -17.12 -0.36
C ASN C 76 -1.76 -15.78 -1.06
N ILE C 77 -0.68 -15.13 -1.48
CA ILE C 77 -0.74 -13.92 -2.29
C ILE C 77 0.23 -14.06 -3.44
N ILE C 78 -0.21 -13.74 -4.65
CA ILE C 78 0.63 -13.88 -5.83
C ILE C 78 1.80 -12.91 -5.74
N GLY C 79 2.97 -13.38 -6.18
CA GLY C 79 4.19 -12.59 -6.15
C GLY C 79 4.58 -12.14 -7.54
N LEU C 80 4.91 -10.85 -7.65
CA LEU C 80 5.34 -10.28 -8.92
C LEU C 80 6.80 -10.69 -9.18
N LEU C 81 7.01 -11.41 -10.28
CA LEU C 81 8.34 -11.92 -10.60
C LEU C 81 9.18 -10.93 -11.38
N ASP C 82 8.59 -10.23 -12.35
CA ASP C 82 9.38 -9.35 -13.21
C ASP C 82 8.46 -8.32 -13.85
N ALA C 83 9.08 -7.29 -14.43
CA ALA C 83 8.35 -6.28 -15.19
C ALA C 83 9.30 -5.66 -16.21
N PHE C 84 8.78 -5.39 -17.41
CA PHE C 84 9.59 -4.77 -18.45
C PHE C 84 8.66 -3.95 -19.35
N GLY C 85 9.19 -3.51 -20.48
CA GLY C 85 8.39 -2.79 -21.45
C GLY C 85 9.22 -1.80 -22.23
N HIS C 86 8.52 -0.86 -22.86
CA HIS C 86 9.15 0.18 -23.68
C HIS C 86 8.33 1.45 -23.56
N LYS C 87 8.97 2.53 -23.10
CA LYS C 87 8.33 3.83 -22.94
C LYS C 87 7.08 3.75 -22.07
N SER C 88 5.91 3.89 -22.68
CA SER C 88 4.64 3.88 -21.96
C SER C 88 3.94 2.53 -22.00
N ASN C 89 4.56 1.52 -22.58
CA ASN C 89 4.01 0.16 -22.59
C ASN C 89 4.75 -0.67 -21.56
N ILE C 90 3.99 -1.37 -20.72
CA ILE C 90 4.56 -2.14 -19.62
C ILE C 90 3.96 -3.54 -19.63
N SER C 91 4.77 -4.52 -19.25
CA SER C 91 4.37 -5.91 -19.19
C SER C 91 4.82 -6.51 -17.87
N LEU C 92 3.93 -7.27 -17.24
CA LEU C 92 4.19 -7.86 -15.94
C LEU C 92 4.35 -9.37 -16.07
N VAL C 93 5.22 -9.94 -15.24
CA VAL C 93 5.53 -11.36 -15.27
C VAL C 93 5.32 -11.92 -13.87
N PHE C 94 4.37 -12.85 -13.75
CA PHE C 94 4.07 -13.55 -12.52
C PHE C 94 4.44 -15.02 -12.66
N ASP C 95 4.54 -15.70 -11.52
CA ASP C 95 4.64 -17.15 -11.53
C ASP C 95 3.35 -17.74 -12.09
N PHE C 96 3.50 -18.82 -12.86
CA PHE C 96 2.36 -19.41 -13.54
C PHE C 96 1.55 -20.28 -12.59
N MET C 97 0.25 -20.03 -12.52
CA MET C 97 -0.67 -20.82 -11.73
C MET C 97 -1.47 -21.74 -12.65
N GLU C 98 -1.64 -22.99 -12.21
CA GLU C 98 -2.21 -24.01 -13.09
C GLU C 98 -3.65 -23.68 -13.46
N THR C 99 -4.46 -23.25 -12.49
CA THR C 99 -5.87 -23.00 -12.73
C THR C 99 -6.37 -21.95 -11.74
N ASN C 100 -7.68 -21.72 -11.74
CA ASN C 100 -8.33 -20.83 -10.80
C ASN C 100 -9.59 -21.51 -10.26
N LEU C 101 -10.24 -20.84 -9.30
CA LEU C 101 -11.37 -21.44 -8.62
C LEU C 101 -12.63 -21.46 -9.50
N GLU C 102 -12.74 -20.53 -10.44
CA GLU C 102 -13.89 -20.52 -11.33
C GLU C 102 -13.94 -21.76 -12.20
N VAL C 103 -12.77 -22.20 -12.70
CA VAL C 103 -12.71 -23.44 -13.48
C VAL C 103 -13.09 -24.62 -12.61
N ILE C 104 -12.69 -24.61 -11.34
CA ILE C 104 -13.04 -25.68 -10.42
C ILE C 104 -14.55 -25.74 -10.23
N ILE C 105 -15.17 -24.58 -10.01
CA ILE C 105 -16.60 -24.54 -9.72
C ILE C 105 -17.41 -24.93 -10.95
N LYS C 106 -17.06 -24.38 -12.12
CA LYS C 106 -17.81 -24.62 -13.34
C LYS C 106 -17.62 -26.03 -13.88
N ASP C 107 -16.67 -26.80 -13.36
CA ASP C 107 -16.43 -28.16 -13.83
C ASP C 107 -17.45 -29.09 -13.20
N ASN C 108 -18.21 -29.79 -14.06
CA ASN C 108 -19.26 -30.69 -13.58
C ASN C 108 -18.73 -32.06 -13.19
N SER C 109 -17.50 -32.40 -13.56
CA SER C 109 -16.91 -33.68 -13.22
C SER C 109 -16.15 -33.65 -11.90
N LEU C 110 -16.17 -32.53 -11.19
CA LEU C 110 -15.45 -32.36 -9.93
C LEU C 110 -16.43 -32.29 -8.78
N VAL C 111 -16.18 -33.11 -7.75
CA VAL C 111 -17.02 -33.15 -6.57
C VAL C 111 -16.37 -32.28 -5.50
N LEU C 112 -17.13 -31.32 -4.98
CA LEU C 112 -16.64 -30.40 -3.95
C LEU C 112 -17.12 -30.92 -2.59
N THR C 113 -16.31 -31.75 -1.96
CA THR C 113 -16.61 -32.24 -0.63
C THR C 113 -16.47 -31.11 0.39
N PRO C 114 -17.08 -31.25 1.56
CA PRO C 114 -16.95 -30.20 2.58
C PRO C 114 -15.50 -29.91 2.98
N SER C 115 -14.63 -30.93 2.95
CA SER C 115 -13.22 -30.71 3.25
C SER C 115 -12.56 -29.81 2.21
N HIS C 116 -12.88 -30.02 0.92
CA HIS C 116 -12.31 -29.16 -0.12
C HIS C 116 -12.77 -27.72 0.05
N ILE C 117 -14.05 -27.51 0.34
CA ILE C 117 -14.57 -26.17 0.57
C ILE C 117 -13.88 -25.54 1.77
N LYS C 118 -13.71 -26.34 2.84
CA LYS C 118 -13.04 -25.83 4.04
C LYS C 118 -11.60 -25.40 3.73
N ALA C 119 -10.88 -26.20 2.94
CA ALA C 119 -9.51 -25.85 2.61
C ALA C 119 -9.45 -24.58 1.76
N TYR C 120 -10.32 -24.47 0.76
CA TYR C 120 -10.34 -23.27 -0.09
C TYR C 120 -10.63 -22.03 0.75
N MET C 121 -11.64 -22.11 1.61
CA MET C 121 -11.99 -20.98 2.45
C MET C 121 -10.87 -20.64 3.42
N LEU C 122 -10.19 -21.66 3.94
CA LEU C 122 -9.08 -21.43 4.87
C LEU C 122 -7.94 -20.67 4.19
N MET C 123 -7.54 -21.11 2.99
CA MET C 123 -6.48 -20.42 2.29
C MET C 123 -6.89 -18.99 1.93
N THR C 124 -8.12 -18.81 1.45
CA THR C 124 -8.59 -17.48 1.11
C THR C 124 -8.59 -16.56 2.32
N LEU C 125 -9.06 -17.07 3.47
CA LEU C 125 -9.15 -16.24 4.67
C LEU C 125 -7.78 -15.91 5.23
N GLN C 126 -6.83 -16.86 5.18
CA GLN C 126 -5.48 -16.56 5.63
C GLN C 126 -4.82 -15.50 4.75
N GLY C 127 -4.97 -15.63 3.43
CA GLY C 127 -4.45 -14.60 2.53
C GLY C 127 -5.07 -13.24 2.78
N LEU C 128 -6.39 -13.20 2.97
CA LEU C 128 -7.06 -11.93 3.20
C LEU C 128 -6.71 -11.33 4.56
N GLU C 129 -6.48 -12.16 5.58
CA GLU C 129 -6.05 -11.64 6.87
C GLU C 129 -4.66 -11.02 6.76
N TYR C 130 -3.75 -11.69 6.05
CA TYR C 130 -2.43 -11.10 5.83
C TYR C 130 -2.54 -9.80 5.05
N LEU C 131 -3.42 -9.76 4.05
CA LEU C 131 -3.59 -8.54 3.26
C LEU C 131 -4.17 -7.41 4.11
N HIS C 132 -5.14 -7.72 4.97
CA HIS C 132 -5.81 -6.68 5.76
C HIS C 132 -4.93 -6.16 6.87
N GLN C 133 -4.07 -7.02 7.44
CA GLN C 133 -3.15 -6.54 8.48
C GLN C 133 -2.20 -5.47 7.93
N HIS C 134 -1.94 -5.49 6.63
CA HIS C 134 -1.13 -4.46 5.98
C HIS C 134 -1.99 -3.36 5.35
N TRP C 135 -3.27 -3.30 5.72
CA TRP C 135 -4.17 -2.20 5.35
C TRP C 135 -4.33 -2.08 3.83
N ILE C 136 -4.64 -3.21 3.19
CA ILE C 136 -4.90 -3.26 1.76
C ILE C 136 -6.19 -4.05 1.54
N LEU C 137 -7.12 -3.47 0.77
CA LEU C 137 -8.33 -4.14 0.35
C LEU C 137 -8.17 -4.62 -1.09
N HIS C 138 -8.49 -5.89 -1.34
CA HIS C 138 -8.39 -6.42 -2.70
C HIS C 138 -9.40 -5.76 -3.62
N ARG C 139 -10.67 -5.73 -3.21
CA ARG C 139 -11.76 -5.03 -3.89
C ARG C 139 -12.09 -5.59 -5.27
N ASP C 140 -11.52 -6.73 -5.66
CA ASP C 140 -11.84 -7.35 -6.95
C ASP C 140 -11.90 -8.86 -6.81
N LEU C 141 -12.53 -9.35 -5.75
CA LEU C 141 -12.48 -10.77 -5.43
C LEU C 141 -13.59 -11.53 -6.14
N LYS C 142 -13.21 -12.60 -6.82
CA LYS C 142 -14.15 -13.50 -7.48
C LYS C 142 -13.44 -14.84 -7.69
N PRO C 143 -14.19 -15.90 -7.99
CA PRO C 143 -13.55 -17.22 -8.15
C PRO C 143 -12.45 -17.25 -9.20
N ASN C 144 -12.54 -16.45 -10.26
CA ASN C 144 -11.48 -16.44 -11.26
C ASN C 144 -10.22 -15.76 -10.74
N ASN C 145 -10.33 -14.89 -9.75
CA ASN C 145 -9.17 -14.23 -9.16
C ASN C 145 -8.47 -15.07 -8.11
N LEU C 146 -9.04 -16.22 -7.72
CA LEU C 146 -8.43 -17.12 -6.75
C LEU C 146 -7.69 -18.20 -7.54
N LEU C 147 -6.36 -18.07 -7.60
CA LEU C 147 -5.55 -18.95 -8.42
C LEU C 147 -5.09 -20.17 -7.61
N LEU C 148 -4.97 -21.29 -8.30
CA LEU C 148 -4.52 -22.55 -7.72
C LEU C 148 -3.36 -23.10 -8.54
N ASP C 149 -2.34 -23.62 -7.87
CA ASP C 149 -1.23 -24.25 -8.54
C ASP C 149 -1.35 -25.77 -8.43
N GLU C 150 -0.38 -26.47 -9.03
CA GLU C 150 -0.41 -27.94 -9.01
C GLU C 150 -0.16 -28.51 -7.62
N ASN C 151 0.33 -27.70 -6.69
CA ASN C 151 0.55 -28.13 -5.31
C ASN C 151 -0.64 -27.82 -4.41
N GLY C 152 -1.70 -27.23 -4.95
CA GLY C 152 -2.91 -26.99 -4.17
C GLY C 152 -2.89 -25.75 -3.32
N VAL C 153 -1.99 -24.82 -3.57
CA VAL C 153 -1.90 -23.58 -2.80
C VAL C 153 -2.73 -22.51 -3.50
N LEU C 154 -3.65 -21.90 -2.76
CA LEU C 154 -4.49 -20.84 -3.29
C LEU C 154 -3.83 -19.49 -3.06
N LYS C 155 -3.88 -18.65 -4.09
CA LYS C 155 -3.34 -17.30 -4.03
C LYS C 155 -4.36 -16.30 -4.54
N LEU C 156 -4.27 -15.07 -4.05
CA LEU C 156 -5.10 -13.98 -4.52
C LEU C 156 -4.33 -13.18 -5.55
N ALA C 157 -5.00 -12.85 -6.66
CA ALA C 157 -4.35 -12.11 -7.73
C ALA C 157 -5.21 -10.95 -8.20
N ASP C 158 -4.82 -10.32 -9.31
CA ASP C 158 -5.54 -9.19 -9.90
C ASP C 158 -5.69 -8.05 -8.90
N PHE C 159 -4.54 -7.48 -8.52
CA PHE C 159 -4.50 -6.36 -7.61
C PHE C 159 -4.57 -5.01 -8.32
N GLY C 160 -5.09 -4.99 -9.56
CA GLY C 160 -5.20 -3.75 -10.30
C GLY C 160 -6.22 -2.78 -9.73
N LEU C 161 -7.14 -3.27 -8.89
CA LEU C 161 -8.12 -2.42 -8.24
C LEU C 161 -7.91 -2.34 -6.74
N ALA C 162 -6.88 -2.99 -6.20
CA ALA C 162 -6.64 -2.99 -4.77
C ALA C 162 -6.21 -1.61 -4.28
N LYS C 163 -6.70 -1.22 -3.12
CA LYS C 163 -6.44 0.10 -2.56
C LYS C 163 -6.10 -0.03 -1.09
N SER C 164 -5.25 0.88 -0.61
CA SER C 164 -4.92 0.93 0.80
C SER C 164 -5.98 1.71 1.56
N PHE C 165 -6.39 1.17 2.71
CA PHE C 165 -7.45 1.76 3.51
C PHE C 165 -6.93 2.05 4.91
N GLY C 166 -7.65 2.94 5.61
CA GLY C 166 -7.32 3.36 6.96
C GLY C 166 -7.13 4.86 7.09
N SER C 167 -6.71 5.53 6.03
CA SER C 167 -6.56 6.97 6.05
C SER C 167 -7.90 7.64 5.82
N PRO C 168 -8.35 8.53 6.72
CA PRO C 168 -9.63 9.24 6.56
C PRO C 168 -9.55 10.37 5.55
N GLN C 175 -18.44 1.69 -6.28
CA GLN C 175 -18.37 1.36 -7.70
C GLN C 175 -17.17 0.46 -7.96
N VAL C 176 -16.94 -0.50 -7.06
CA VAL C 176 -15.85 -1.46 -7.17
C VAL C 176 -16.40 -2.84 -6.89
N VAL C 177 -15.59 -3.86 -7.18
CA VAL C 177 -15.96 -5.28 -7.12
C VAL C 177 -16.97 -5.59 -8.21
N THR C 178 -16.85 -6.78 -8.80
CA THR C 178 -17.82 -7.23 -9.80
C THR C 178 -19.21 -7.31 -9.16
N ARG C 179 -20.24 -7.04 -9.97
CA ARG C 179 -21.59 -6.84 -9.45
C ARG C 179 -22.09 -8.06 -8.68
N TRP C 180 -21.87 -9.27 -9.22
CA TRP C 180 -22.37 -10.46 -8.57
C TRP C 180 -21.77 -10.65 -7.18
N TYR C 181 -20.55 -10.16 -6.96
CA TYR C 181 -19.85 -10.31 -5.69
C TYR C 181 -19.70 -8.99 -4.96
N ARG C 182 -20.45 -7.96 -5.36
CA ARG C 182 -20.35 -6.65 -4.74
C ARG C 182 -21.18 -6.60 -3.46
N ALA C 183 -20.62 -5.96 -2.44
CA ALA C 183 -21.31 -5.83 -1.16
C ALA C 183 -22.46 -4.84 -1.28
N PRO C 184 -23.51 -4.99 -0.46
CA PRO C 184 -24.64 -4.05 -0.53
C PRO C 184 -24.25 -2.61 -0.22
N GLU C 185 -23.27 -2.39 0.67
CA GLU C 185 -22.85 -1.02 0.96
C GLU C 185 -22.19 -0.38 -0.25
N LEU C 186 -21.45 -1.16 -1.04
CA LEU C 186 -20.89 -0.63 -2.28
C LEU C 186 -21.98 -0.31 -3.28
N LEU C 187 -23.01 -1.16 -3.36
CA LEU C 187 -24.13 -0.91 -4.25
C LEU C 187 -24.93 0.32 -3.87
N PHE C 188 -24.79 0.78 -2.62
CA PHE C 188 -25.44 2.00 -2.16
C PHE C 188 -24.54 3.23 -2.27
N GLY C 189 -23.45 3.13 -3.03
CA GLY C 189 -22.54 4.26 -3.21
C GLY C 189 -21.78 4.67 -1.97
N ALA C 190 -21.26 3.71 -1.20
CA ALA C 190 -20.42 4.04 -0.07
C ALA C 190 -19.05 4.51 -0.55
N ARG C 191 -18.58 5.62 -0.01
CA ARG C 191 -17.27 6.17 -0.38
C ARG C 191 -16.17 5.60 0.50
N MET C 192 -16.39 5.56 1.81
CA MET C 192 -15.43 5.02 2.76
C MET C 192 -15.93 3.68 3.28
N TYR C 193 -15.07 2.68 3.26
CA TYR C 193 -15.43 1.33 3.67
C TYR C 193 -14.18 0.63 4.21
N GLY C 194 -14.36 -0.62 4.60
CA GLY C 194 -13.27 -1.39 5.18
C GLY C 194 -13.19 -2.81 4.66
N VAL C 195 -12.86 -3.76 5.54
CA VAL C 195 -12.68 -5.14 5.12
C VAL C 195 -13.99 -5.84 4.78
N GLY C 196 -15.13 -5.20 5.05
CA GLY C 196 -16.41 -5.84 4.76
C GLY C 196 -16.64 -6.11 3.28
N VAL C 197 -16.12 -5.24 2.41
CA VAL C 197 -16.32 -5.43 0.98
C VAL C 197 -15.61 -6.69 0.49
N ASP C 198 -14.49 -7.06 1.12
CA ASP C 198 -13.84 -8.32 0.79
C ASP C 198 -14.57 -9.51 1.39
N MET C 199 -15.09 -9.35 2.62
CA MET C 199 -15.74 -10.47 3.29
C MET C 199 -17.07 -10.83 2.66
N TRP C 200 -17.82 -9.85 2.14
CA TRP C 200 -19.04 -10.15 1.41
C TRP C 200 -18.75 -10.95 0.15
N ALA C 201 -17.70 -10.56 -0.58
CA ALA C 201 -17.28 -11.33 -1.75
C ALA C 201 -16.85 -12.74 -1.35
N VAL C 202 -16.18 -12.87 -0.20
CA VAL C 202 -15.81 -14.19 0.30
C VAL C 202 -17.05 -15.04 0.57
N GLY C 203 -18.08 -14.43 1.17
CA GLY C 203 -19.33 -15.14 1.39
C GLY C 203 -19.99 -15.55 0.08
N CYS C 204 -19.95 -14.67 -0.93
CA CYS C 204 -20.49 -15.01 -2.24
C CYS C 204 -19.74 -16.18 -2.86
N ILE C 205 -18.41 -16.19 -2.73
CA ILE C 205 -17.62 -17.29 -3.26
C ILE C 205 -17.93 -18.59 -2.53
N LEU C 206 -18.14 -18.51 -1.21
CA LEU C 206 -18.53 -19.69 -0.45
C LEU C 206 -19.89 -20.23 -0.91
N ALA C 207 -20.85 -19.32 -1.13
CA ALA C 207 -22.15 -19.74 -1.62
C ALA C 207 -22.05 -20.37 -3.01
N GLU C 208 -21.21 -19.81 -3.88
CA GLU C 208 -21.00 -20.38 -5.20
C GLU C 208 -20.39 -21.78 -5.10
N LEU C 209 -19.42 -21.96 -4.18
CA LEU C 209 -18.84 -23.27 -3.98
C LEU C 209 -19.89 -24.27 -3.49
N LEU C 210 -20.79 -23.81 -2.62
CA LEU C 210 -21.82 -24.70 -2.09
C LEU C 210 -22.85 -25.08 -3.14
N LEU C 211 -23.25 -24.13 -4.00
CA LEU C 211 -24.33 -24.35 -4.95
C LEU C 211 -23.85 -24.59 -6.37
N ARG C 212 -22.55 -24.44 -6.65
CA ARG C 212 -21.94 -24.63 -7.97
C ARG C 212 -22.46 -23.65 -9.00
N VAL C 213 -23.28 -22.68 -8.61
CA VAL C 213 -23.76 -21.63 -9.51
C VAL C 213 -23.59 -20.28 -8.81
N PRO C 214 -23.54 -19.19 -9.56
CA PRO C 214 -23.48 -17.87 -8.92
C PRO C 214 -24.67 -17.66 -8.00
N PHE C 215 -24.38 -17.13 -6.81
CA PHE C 215 -25.40 -17.01 -5.78
C PHE C 215 -26.41 -15.93 -6.12
N LEU C 216 -25.94 -14.76 -6.53
CA LEU C 216 -26.80 -13.60 -6.82
C LEU C 216 -26.40 -13.01 -8.17
N PRO C 217 -26.80 -13.65 -9.27
CA PRO C 217 -26.37 -13.21 -10.62
C PRO C 217 -27.25 -12.10 -11.20
N GLY C 218 -27.06 -10.89 -10.71
CA GLY C 218 -27.79 -9.74 -11.23
C GLY C 218 -27.15 -9.16 -12.48
N ASP C 219 -27.95 -8.38 -13.20
CA ASP C 219 -27.48 -7.70 -14.40
C ASP C 219 -27.36 -6.19 -14.23
N SER C 220 -27.88 -5.63 -13.13
CA SER C 220 -27.73 -4.21 -12.84
C SER C 220 -27.63 -4.05 -11.34
N ASP C 221 -27.23 -2.85 -10.91
CA ASP C 221 -27.08 -2.58 -9.48
C ASP C 221 -28.42 -2.75 -8.76
N LEU C 222 -29.49 -2.20 -9.34
CA LEU C 222 -30.81 -2.38 -8.76
C LEU C 222 -31.23 -3.84 -8.75
N ASP C 223 -30.93 -4.57 -9.82
CA ASP C 223 -31.26 -5.99 -9.85
C ASP C 223 -30.45 -6.77 -8.82
N GLN C 224 -29.18 -6.42 -8.63
CA GLN C 224 -28.37 -7.10 -7.63
C GLN C 224 -28.91 -6.83 -6.23
N LEU C 225 -29.30 -5.58 -5.95
CA LEU C 225 -29.90 -5.27 -4.66
C LEU C 225 -31.20 -6.03 -4.46
N THR C 226 -32.02 -6.13 -5.51
CA THR C 226 -33.28 -6.86 -5.41
C THR C 226 -33.02 -8.33 -5.12
N ARG C 227 -32.06 -8.94 -5.81
CA ARG C 227 -31.74 -10.35 -5.56
C ARG C 227 -31.22 -10.56 -4.15
N ILE C 228 -30.36 -9.65 -3.67
CA ILE C 228 -29.85 -9.76 -2.32
C ILE C 228 -30.99 -9.70 -1.30
N PHE C 229 -31.90 -8.75 -1.49
CA PHE C 229 -33.00 -8.58 -0.54
C PHE C 229 -34.01 -9.72 -0.62
N GLU C 230 -34.19 -10.32 -1.80
CA GLU C 230 -35.07 -11.46 -1.91
C GLU C 230 -34.48 -12.69 -1.26
N THR C 231 -33.17 -12.91 -1.44
CA THR C 231 -32.55 -14.11 -0.90
C THR C 231 -32.34 -14.02 0.61
N LEU C 232 -31.96 -12.86 1.12
CA LEU C 232 -31.60 -12.72 2.52
C LEU C 232 -32.58 -11.86 3.33
N GLY C 233 -33.47 -11.14 2.69
CA GLY C 233 -34.39 -10.28 3.41
C GLY C 233 -33.93 -8.83 3.41
N THR C 234 -34.90 -7.92 3.41
CA THR C 234 -34.59 -6.50 3.45
C THR C 234 -34.14 -6.11 4.85
N PRO C 235 -32.93 -5.60 5.03
CA PRO C 235 -32.49 -5.21 6.37
C PRO C 235 -33.25 -4.01 6.89
N THR C 236 -33.37 -3.94 8.22
CA THR C 236 -34.05 -2.86 8.90
C THR C 236 -33.01 -1.96 9.58
N GLU C 237 -33.51 -0.97 10.33
CA GLU C 237 -32.62 -0.05 11.04
C GLU C 237 -31.90 -0.72 12.20
N GLU C 238 -32.30 -1.92 12.60
CA GLU C 238 -31.62 -2.65 13.68
C GLU C 238 -30.46 -3.48 13.16
N GLN C 239 -30.53 -3.96 11.92
CA GLN C 239 -29.45 -4.72 11.31
C GLN C 239 -28.46 -3.84 10.58
N TRP C 240 -28.74 -2.55 10.45
CA TRP C 240 -27.92 -1.60 9.70
C TRP C 240 -28.28 -0.19 10.15
N PRO C 241 -27.72 0.27 11.27
CA PRO C 241 -28.25 1.49 11.91
C PRO C 241 -28.11 2.77 11.09
N ASP C 242 -27.46 2.74 9.94
CA ASP C 242 -27.25 3.94 9.13
C ASP C 242 -27.56 3.66 7.66
N MET C 243 -28.70 3.01 7.40
CA MET C 243 -29.08 2.69 6.03
C MET C 243 -29.25 3.94 5.19
N CYS C 244 -29.90 4.97 5.74
CA CYS C 244 -30.28 6.15 4.99
C CYS C 244 -29.15 7.15 4.80
N SER C 245 -28.03 6.98 5.51
CA SER C 245 -26.94 7.95 5.38
C SER C 245 -26.22 7.83 4.05
N LEU C 246 -26.22 6.63 3.45
CA LEU C 246 -25.52 6.43 2.19
C LEU C 246 -26.21 7.22 1.08
N PRO C 247 -25.45 7.81 0.16
CA PRO C 247 -26.06 8.70 -0.85
C PRO C 247 -26.96 7.97 -1.84
N ASP C 248 -26.47 6.89 -2.44
CA ASP C 248 -27.23 6.13 -3.44
C ASP C 248 -28.09 5.06 -2.77
N TYR C 249 -28.89 5.45 -1.80
CA TYR C 249 -29.75 4.54 -1.05
C TYR C 249 -31.19 4.73 -1.48
N VAL C 250 -31.88 3.62 -1.78
CA VAL C 250 -33.28 3.64 -2.17
C VAL C 250 -34.03 2.62 -1.32
N THR C 251 -35.31 2.88 -1.11
CA THR C 251 -36.15 2.02 -0.27
C THR C 251 -36.69 0.87 -1.10
N PHE C 252 -36.59 -0.34 -0.57
CA PHE C 252 -37.07 -1.55 -1.22
C PHE C 252 -38.29 -2.10 -0.50
N LYS C 253 -38.96 -3.04 -1.14
CA LYS C 253 -40.06 -3.75 -0.51
C LYS C 253 -39.52 -4.67 0.60
N SER C 254 -40.37 -4.97 1.57
CA SER C 254 -39.97 -5.80 2.70
C SER C 254 -40.06 -7.27 2.29
N PHE C 255 -38.90 -7.89 2.07
CA PHE C 255 -38.91 -9.31 1.77
C PHE C 255 -38.62 -10.12 3.03
N PRO C 256 -39.36 -11.20 3.26
CA PRO C 256 -39.09 -12.04 4.44
C PRO C 256 -37.70 -12.65 4.44
N GLY C 257 -37.17 -13.01 3.28
CA GLY C 257 -35.86 -13.64 3.21
C GLY C 257 -35.92 -15.15 3.38
N ILE C 258 -35.31 -15.88 2.46
CA ILE C 258 -35.34 -17.35 2.54
C ILE C 258 -34.47 -17.81 3.71
N PRO C 259 -34.91 -18.78 4.49
CA PRO C 259 -34.06 -19.31 5.57
C PRO C 259 -32.76 -19.88 5.00
N LEU C 260 -31.68 -19.68 5.76
CA LEU C 260 -30.36 -20.07 5.28
C LEU C 260 -30.26 -21.59 5.09
N HIS C 261 -30.82 -22.37 6.02
CA HIS C 261 -30.78 -23.82 5.88
C HIS C 261 -31.67 -24.31 4.75
N HIS C 262 -32.59 -23.47 4.26
CA HIS C 262 -33.34 -23.82 3.06
C HIS C 262 -32.49 -23.62 1.80
N ILE C 263 -31.69 -22.56 1.76
CA ILE C 263 -30.82 -22.32 0.61
C ILE C 263 -29.72 -23.37 0.54
N PHE C 264 -29.07 -23.64 1.67
CA PHE C 264 -28.00 -24.63 1.76
C PHE C 264 -28.51 -25.79 2.60
N SER C 265 -29.03 -26.82 1.92
CA SER C 265 -29.60 -27.95 2.62
C SER C 265 -28.55 -28.80 3.32
N ALA C 266 -27.37 -28.93 2.72
CA ALA C 266 -26.31 -29.78 3.26
C ALA C 266 -25.39 -29.06 4.23
N ALA C 267 -25.57 -27.77 4.44
CA ALA C 267 -24.70 -27.02 5.34
C ALA C 267 -24.97 -27.41 6.79
N GLY C 268 -23.89 -27.54 7.55
CA GLY C 268 -24.01 -27.80 8.98
C GLY C 268 -24.26 -26.54 9.77
N ASP C 269 -24.44 -26.72 11.08
CA ASP C 269 -24.73 -25.58 11.94
C ASP C 269 -23.56 -24.60 11.97
N ASP C 270 -22.33 -25.11 12.07
CA ASP C 270 -21.16 -24.23 12.08
C ASP C 270 -20.98 -23.52 10.75
N LEU C 271 -21.20 -24.24 9.64
CA LEU C 271 -21.11 -23.61 8.33
C LEU C 271 -22.18 -22.55 8.15
N LEU C 272 -23.40 -22.82 8.63
CA LEU C 272 -24.46 -21.82 8.55
C LEU C 272 -24.13 -20.60 9.40
N ASP C 273 -23.51 -20.81 10.57
CA ASP C 273 -23.08 -19.67 11.38
C ASP C 273 -22.02 -18.84 10.66
N LEU C 274 -21.07 -19.52 10.01
CA LEU C 274 -20.05 -18.79 9.25
C LEU C 274 -20.67 -18.00 8.11
N ILE C 275 -21.64 -18.60 7.41
CA ILE C 275 -22.31 -17.89 6.32
C ILE C 275 -23.08 -16.69 6.85
N GLN C 276 -23.77 -16.86 7.98
CA GLN C 276 -24.52 -15.77 8.57
C GLN C 276 -23.60 -14.62 8.97
N GLY C 277 -22.44 -14.95 9.54
CA GLY C 277 -21.48 -13.91 9.86
C GLY C 277 -20.91 -13.23 8.63
N LEU C 278 -20.71 -13.99 7.55
CA LEU C 278 -20.15 -13.45 6.32
C LEU C 278 -21.13 -12.58 5.56
N PHE C 279 -22.44 -12.76 5.78
CA PHE C 279 -23.46 -12.05 5.02
C PHE C 279 -24.23 -11.05 5.88
N LEU C 280 -23.67 -10.62 7.00
CA LEU C 280 -24.33 -9.62 7.82
C LEU C 280 -24.41 -8.29 7.06
N PHE C 281 -25.57 -7.66 7.10
CA PHE C 281 -25.77 -6.42 6.35
C PHE C 281 -24.94 -5.28 6.92
N ASN C 282 -24.77 -5.25 8.23
CA ASN C 282 -23.92 -4.23 8.85
C ASN C 282 -22.47 -4.52 8.49
N PRO C 283 -21.76 -3.60 7.84
CA PRO C 283 -20.34 -3.86 7.54
C PRO C 283 -19.46 -3.83 8.78
N CYS C 284 -19.87 -3.13 9.82
CA CYS C 284 -19.12 -3.16 11.07
C CYS C 284 -19.31 -4.48 11.81
N ALA C 285 -20.54 -4.99 11.85
CA ALA C 285 -20.83 -6.25 12.52
C ALA C 285 -20.39 -7.46 11.73
N ARG C 286 -20.17 -7.31 10.41
CA ARG C 286 -19.72 -8.43 9.59
C ARG C 286 -18.37 -8.93 10.08
N ILE C 287 -18.19 -10.25 10.06
CA ILE C 287 -17.00 -10.86 10.65
C ILE C 287 -15.79 -10.56 9.78
N THR C 288 -14.66 -10.30 10.43
CA THR C 288 -13.40 -10.08 9.73
C THR C 288 -12.75 -11.42 9.40
N ALA C 289 -11.58 -11.36 8.76
CA ALA C 289 -10.89 -12.59 8.40
C ALA C 289 -10.39 -13.34 9.64
N THR C 290 -9.86 -12.61 10.63
CA THR C 290 -9.39 -13.24 11.85
C THR C 290 -10.55 -13.83 12.65
N GLN C 291 -11.66 -13.10 12.75
CA GLN C 291 -12.82 -13.60 13.47
C GLN C 291 -13.39 -14.85 12.78
N ALA C 292 -13.44 -14.85 11.45
CA ALA C 292 -13.91 -16.02 10.73
C ALA C 292 -12.95 -17.19 10.88
N LEU C 293 -11.64 -16.91 10.95
CA LEU C 293 -10.66 -17.96 11.16
C LEU C 293 -10.77 -18.56 12.56
N LYS C 294 -11.21 -17.76 13.53
CA LYS C 294 -11.40 -18.25 14.89
C LYS C 294 -12.71 -19.00 15.07
N MET C 295 -13.58 -19.03 14.06
CA MET C 295 -14.89 -19.64 14.20
C MET C 295 -14.77 -21.15 14.33
N LYS C 296 -15.79 -21.76 14.95
CA LYS C 296 -15.76 -23.19 15.23
C LYS C 296 -15.83 -24.03 13.97
N TYR C 297 -16.28 -23.46 12.85
CA TYR C 297 -16.41 -24.25 11.62
C TYR C 297 -15.07 -24.81 11.17
N PHE C 298 -14.01 -24.00 11.25
CA PHE C 298 -12.70 -24.44 10.79
C PHE C 298 -12.03 -25.41 11.75
N SER C 299 -12.30 -25.29 13.05
CA SER C 299 -11.71 -26.17 14.04
C SER C 299 -12.50 -27.47 14.24
N ASN C 300 -13.68 -27.59 13.64
CA ASN C 300 -14.49 -28.80 13.78
C ASN C 300 -13.96 -29.88 12.84
N ARG C 301 -14.73 -30.96 12.70
CA ARG C 301 -14.33 -32.08 11.86
C ARG C 301 -15.23 -32.16 10.63
N PRO C 302 -14.69 -32.64 9.49
CA PRO C 302 -13.31 -33.09 9.26
C PRO C 302 -12.35 -31.93 9.01
N GLY C 303 -11.06 -32.18 9.06
CA GLY C 303 -10.07 -31.17 8.77
C GLY C 303 -10.03 -30.82 7.30
N PRO C 304 -9.52 -29.63 6.98
CA PRO C 304 -9.43 -29.23 5.56
C PRO C 304 -8.53 -30.17 4.78
N THR C 305 -8.90 -30.41 3.53
CA THR C 305 -8.12 -31.30 2.68
C THR C 305 -6.76 -30.68 2.37
N PRO C 306 -5.68 -31.46 2.46
CA PRO C 306 -4.36 -30.95 2.10
C PRO C 306 -4.31 -30.56 0.63
N GLY C 307 -3.45 -29.58 0.33
CA GLY C 307 -3.38 -29.06 -1.03
C GLY C 307 -3.03 -30.11 -2.07
N CYS C 308 -2.25 -31.11 -1.67
CA CYS C 308 -1.86 -32.17 -2.60
C CYS C 308 -3.02 -33.08 -2.96
N GLN C 309 -4.14 -33.02 -2.23
CA GLN C 309 -5.30 -33.87 -2.49
C GLN C 309 -6.52 -33.08 -2.95
N LEU C 310 -6.36 -31.79 -3.22
CA LEU C 310 -7.47 -30.98 -3.70
C LEU C 310 -7.88 -31.42 -5.11
N PRO C 311 -9.15 -31.22 -5.47
CA PRO C 311 -9.58 -31.64 -6.81
C PRO C 311 -8.85 -30.89 -7.91
N ARG C 312 -8.55 -31.61 -9.00
CA ARG C 312 -7.81 -31.06 -10.12
C ARG C 312 -8.62 -31.26 -11.40
N PRO C 313 -8.83 -30.21 -12.19
CA PRO C 313 -9.58 -30.36 -13.44
C PRO C 313 -8.84 -31.26 -14.41
N ASN C 314 -9.50 -32.34 -14.82
CA ASN C 314 -8.91 -33.27 -15.77
C ASN C 314 -8.80 -32.63 -17.14
N CYS C 315 -7.73 -32.98 -17.87
N CYS C 315 -7.73 -32.99 -17.87
CA CYS C 315 -7.50 -32.45 -19.20
CA CYS C 315 -7.47 -32.46 -19.19
C CYS C 315 -8.48 -33.07 -20.21
C CYS C 315 -8.51 -32.94 -20.20
C13 V0G D . -7.17 -25.99 -16.88
C13 V0G D . -7.01 -27.06 -16.40
C15 V0G D . -5.79 -27.50 -18.16
C15 V0G D . -5.40 -28.46 -17.51
C17 V0G D . -4.27 -29.50 -18.16
C17 V0G D . -3.46 -30.09 -17.21
C20 V0G D . -3.21 -29.79 -20.85
C20 V0G D . -2.39 -33.18 -19.27
C22 V0G D . -2.86 -30.37 -23.13
C22 V0G D . -0.71 -31.92 -20.39
C26 V0G D . -5.23 -25.17 -18.04
C26 V0G D . -5.49 -26.10 -18.01
C28 V0G D . -6.59 -20.39 -16.30
C28 V0G D . -8.48 -21.84 -17.83
C02 V0G D . -1.76 -15.11 -13.54
C02 V0G D . -8.15 -15.21 -14.22
C03 V0G D . -0.94 -16.21 -13.33
C03 V0G D . -7.07 -15.82 -13.58
C05 V0G D . -2.61 -17.59 -14.14
C05 V0G D . -7.12 -17.52 -15.12
C07 V0G D . -4.27 -19.40 -15.07
C07 V0G D . -7.22 -19.83 -16.36
C08 V0G D . -4.33 -20.71 -15.55
C08 V0G D . -6.59 -21.06 -16.55
C09 V0G D . -5.48 -21.21 -16.16
C09 V0G D . -7.22 -22.07 -17.28
C11 V0G D . -6.60 -23.50 -16.72
C11 V0G D . -7.17 -24.57 -16.87
C12 V0G D . -6.33 -24.94 -17.23
C12 V0G D . -6.53 -25.95 -17.11
C14 V0G D . -6.90 -27.28 -17.35
C14 V0G D . -6.44 -28.31 -16.61
C18 V0G D . -3.87 -30.91 -18.65
C18 V0G D . -2.85 -31.48 -17.43
C19 V0G D . -3.82 -31.03 -20.17
C19 V0G D . -3.38 -32.15 -18.70
C23 V0G D . -1.43 -31.29 -21.47
C23 V0G D . -2.87 -32.13 -21.39
C25 V0G D . -4.95 -26.44 -18.50
C25 V0G D . -4.92 -27.35 -18.21
C29 V0G D . -6.53 -19.08 -15.84
C29 V0G D . -9.11 -20.61 -17.64
C30 V0G D . -5.38 -18.59 -15.23
C30 V0G D . -8.47 -19.62 -16.91
C32 V0G D . -3.03 -15.32 -14.07
C32 V0G D . -8.68 -15.82 -15.35
C33 V0G D . -4.02 -14.18 -14.35
C33 V0G D . -9.87 -15.24 -16.14
C34 V0G D . -4.19 -13.02 -13.61
C34 V0G D . -10.85 -14.36 -15.70
C36 V0G D . -5.64 -12.97 -15.26
C36 V0G D . -11.29 -14.81 -17.81
C37 V0G D . -6.67 -12.62 -16.19
C37 V0G D . -11.85 -14.88 -19.11
C38 V0G D . -6.98 -13.49 -17.23
C38 V0G D . -11.26 -15.69 -20.08
C39 V0G D . -6.28 -14.69 -17.38
C39 V0G D . -10.12 -16.42 -19.77
C40 V0G D . -5.28 -15.03 -16.47
C40 V0G D . -9.57 -16.35 -18.49
C41 V0G D . -4.96 -14.15 -15.41
C41 V0G D . -10.16 -15.53 -17.50
N04 V0G D . -1.40 -17.42 -13.64
N04 V0G D . -6.60 -16.96 -14.06
N06 V0G D . -3.03 -18.98 -14.44
N06 V0G D . -6.52 -18.79 -15.58
N10 V0G D . -5.44 -22.60 -16.63
N10 V0G D . -6.59 -23.37 -17.49
N16 V0G D . -5.47 -28.84 -18.67
N16 V0G D . -4.80 -29.78 -17.73
N21 V0G D . -2.22 -30.13 -21.86
N21 V0G D . -1.86 -32.79 -20.56
N31 V0G D . -3.40 -16.56 -14.34
N31 V0G D . -8.14 -16.96 -15.75
N35 V0G D . -5.16 -12.31 -14.17
N35 V0G D . -11.68 -14.10 -16.70
O24 V0G D . -3.58 -28.95 -17.38
O24 V0G D . -2.86 -29.26 -16.61
O27 V0G D . -7.69 -23.17 -16.42
O27 V0G D . -8.14 -24.47 -16.21
CL01 V0G D . -1.16 -13.48 -13.14
CL01 V0G D . -8.76 -13.67 -13.55
#